data_7WH8
#
_entry.id   7WH8
#
_cell.length_a   1.00
_cell.length_b   1.00
_cell.length_c   1.00
_cell.angle_alpha   90.00
_cell.angle_beta   90.00
_cell.angle_gamma   90.00
#
_symmetry.space_group_name_H-M   'P 1'
#
loop_
_entity.id
_entity.type
_entity.pdbx_description
1 polymer 'antibody ZB8 heavy chain'
2 polymer 'antibody ZB8 light chain'
3 polymer 'Spike glycoprotein'
#
loop_
_entity_poly.entity_id
_entity_poly.type
_entity_poly.pdbx_seq_one_letter_code
_entity_poly.pdbx_strand_id
1 'polypeptide(L)'
;EVQLVQSGAEVKKPGSSVKVSCKASGGTFSNYGISWVRQAPGQGLEWMGRILPTFGTANSAQKFQGRVTITADESTGTAY
MELRSLRSEDTAVYYCAKEGLAFLGYGMDVWGQGTTVTVSSASTKGPSVFPLAPSSKSTSGGTAALGCLVKDYFPEPVTV
SWNSGALTSGVHTFPAVLQSSGLYSLSSVVTVPSSSLGTQTYICNVNHKPSNTKVDKKVEPKSC
;
B
2 'polypeptide(L)'
;EIVLTQSPGTLSLSPGERATLSCRASQSVSSYLAWYQQKPGQAPRLLIYDASNRATGIPARFIGSGSGTDFTLTISSLEP
EDFAVYFCQQRSNWPLTFGGGTKVEIKRTVAAPSVFIFPPSDEQLKSGTASVVCLLNNFYPREAKVQWKVDNALQSGNSQ
ESVTEQDSKDSTYSLSSTLTLSKADYEKHKVYACEVTHQGLSSPVTKSFNRGEC
;
A
3 'polypeptide(L)'
;NFRVQPTESIVRFPNITNLCPFGEVFNATRFASVYAWNRKRISNCVADYSVLYNSASFSTFKCYGVSPTKLNDLCFTNVY
ADSFVIRGDEVRQIAPGQTGKIADYNYKLPDDFTGCVIAWNSNNLDSKVGGNYNYLYRLFRKSNLKPFERDISTEIYQAG
STPCNGVEGFNCYFPLQSYGFQPTNGVGYQPYRVVVLSFELLHAPATVCGPKKSTNLVKNKCVNFNFNGLTGTGVLTESN
KKFLPFQQFGRDIADTTDAVRDPQTLEILDITPCSFG
;
C
#
# COMPACT_ATOMS: atom_id res chain seq x y z
N GLU A 1 -7.76 -1.15 9.42
CA GLU A 1 -7.73 -0.88 7.98
C GLU A 1 -7.85 0.61 7.69
N VAL A 2 -6.94 1.11 6.86
CA VAL A 2 -6.93 2.53 6.52
C VAL A 2 -7.86 2.78 5.33
N GLN A 3 -8.57 3.90 5.37
CA GLN A 3 -9.37 4.37 4.26
C GLN A 3 -8.91 5.77 3.85
N LEU A 4 -9.16 6.10 2.58
CA LEU A 4 -8.77 7.40 2.03
C LEU A 4 -9.99 8.00 1.34
N VAL A 5 -10.81 8.71 2.10
CA VAL A 5 -11.99 9.37 1.55
C VAL A 5 -11.55 10.61 0.79
N GLN A 6 -12.08 10.80 -0.41
CA GLN A 6 -11.67 11.85 -1.32
C GLN A 6 -12.85 12.77 -1.60
N SER A 7 -12.59 13.84 -2.35
CA SER A 7 -13.61 14.84 -2.64
C SER A 7 -14.52 14.35 -3.76
N GLY A 8 -15.37 15.24 -4.26
CA GLY A 8 -16.30 14.92 -5.32
C GLY A 8 -15.88 15.53 -6.66
N ALA A 9 -16.66 15.20 -7.68
CA ALA A 9 -16.37 15.68 -9.03
C ALA A 9 -16.47 17.21 -9.08
N GLU A 10 -15.58 17.83 -9.85
CA GLU A 10 -15.50 19.28 -9.94
C GLU A 10 -15.33 19.69 -11.40
N VAL A 11 -16.41 20.18 -12.01
CA VAL A 11 -16.31 20.75 -13.34
C VAL A 11 -15.71 22.15 -13.25
N LYS A 12 -14.71 22.42 -14.10
CA LYS A 12 -13.98 23.68 -14.04
C LYS A 12 -13.92 24.27 -15.45
N LYS A 13 -13.15 25.34 -15.58
CA LYS A 13 -12.94 26.04 -16.84
C LYS A 13 -11.44 26.19 -17.08
N PRO A 14 -11.03 26.33 -18.34
CA PRO A 14 -9.59 26.49 -18.63
C PRO A 14 -9.01 27.71 -17.93
N GLY A 15 -7.78 27.56 -17.45
CA GLY A 15 -7.09 28.63 -16.76
C GLY A 15 -7.45 28.81 -15.30
N SER A 16 -8.35 28.00 -14.77
CA SER A 16 -8.77 28.11 -13.38
C SER A 16 -7.92 27.20 -12.50
N SER A 17 -8.32 27.05 -11.24
CA SER A 17 -7.60 26.25 -10.27
C SER A 17 -8.51 25.18 -9.68
N VAL A 18 -7.91 24.04 -9.33
CA VAL A 18 -8.65 22.93 -8.73
C VAL A 18 -7.86 22.46 -7.53
N LYS A 19 -8.58 22.06 -6.47
CA LYS A 19 -7.96 21.63 -5.22
C LYS A 19 -8.62 20.31 -4.81
N VAL A 20 -7.93 19.20 -5.05
CA VAL A 20 -8.44 17.89 -4.67
C VAL A 20 -7.92 17.51 -3.29
N SER A 21 -8.81 17.03 -2.43
CA SER A 21 -8.41 16.62 -1.08
C SER A 21 -8.49 15.11 -0.93
N CYS A 22 -7.71 14.57 0.00
CA CYS A 22 -7.70 13.13 0.22
C CYS A 22 -7.63 12.84 1.71
N LYS A 23 -8.73 13.10 2.41
CA LYS A 23 -8.81 12.89 3.84
C LYS A 23 -8.66 11.42 4.23
N ALA A 24 -7.86 11.17 5.26
CA ALA A 24 -7.62 9.82 5.77
C ALA A 24 -8.72 9.48 6.77
N SER A 25 -9.57 8.53 6.42
CA SER A 25 -10.67 8.12 7.29
C SER A 25 -10.12 7.27 8.42
N GLY A 26 -10.23 7.77 9.65
CA GLY A 26 -9.69 7.06 10.80
C GLY A 26 -9.00 7.99 11.77
N GLY A 27 -8.98 9.28 11.46
CA GLY A 27 -8.37 10.25 12.33
C GLY A 27 -7.33 11.11 11.63
N THR A 28 -6.08 11.01 12.07
CA THR A 28 -4.99 11.83 11.57
C THR A 28 -4.02 10.97 10.76
N PHE A 29 -2.93 11.59 10.33
CA PHE A 29 -1.89 10.93 9.55
C PHE A 29 -0.90 10.19 10.45
N SER A 30 -0.03 9.43 9.80
CA SER A 30 1.09 8.75 10.45
C SER A 30 2.20 8.67 9.40
N ASN A 31 3.18 7.78 9.64
CA ASN A 31 4.28 7.65 8.69
C ASN A 31 3.82 6.93 7.43
N TYR A 32 2.83 7.50 6.73
CA TYR A 32 2.26 6.83 5.56
C TYR A 32 3.06 7.08 4.30
N GLY A 33 3.09 8.33 3.84
CA GLY A 33 3.60 8.63 2.52
C GLY A 33 2.48 8.53 1.51
N ILE A 34 2.07 9.64 0.90
CA ILE A 34 0.91 9.67 0.04
C ILE A 34 1.32 10.22 -1.33
N SER A 35 0.92 9.53 -2.40
CA SER A 35 1.24 9.93 -3.75
C SER A 35 -0.04 10.12 -4.55
N TRP A 36 0.04 10.98 -5.57
CA TRP A 36 -1.11 11.36 -6.37
C TRP A 36 -0.96 10.81 -7.78
N VAL A 37 -1.98 10.11 -8.25
CA VAL A 37 -1.98 9.45 -9.55
C VAL A 37 -3.23 9.89 -10.31
N ARG A 38 -3.06 10.23 -11.58
CA ARG A 38 -4.17 10.61 -12.43
C ARG A 38 -4.25 9.69 -13.64
N GLN A 39 -5.46 9.51 -14.16
CA GLN A 39 -5.71 8.63 -15.29
C GLN A 39 -6.62 9.34 -16.29
N ALA A 40 -6.11 9.62 -17.48
CA ALA A 40 -6.90 10.28 -18.50
C ALA A 40 -8.02 9.36 -18.98
N PRO A 41 -9.10 9.94 -19.51
CA PRO A 41 -10.21 9.10 -20.02
C PRO A 41 -9.74 8.20 -21.15
N GLY A 42 -9.91 6.89 -20.95
CA GLY A 42 -9.50 5.91 -21.92
C GLY A 42 -8.00 5.86 -22.15
N GLN A 43 -7.23 5.96 -21.07
CA GLN A 43 -5.78 5.94 -21.15
C GLN A 43 -5.23 5.19 -19.94
N GLY A 44 -3.92 5.22 -19.78
CA GLY A 44 -3.28 4.53 -18.67
C GLY A 44 -3.21 5.36 -17.41
N LEU A 45 -2.17 5.15 -16.61
CA LEU A 45 -2.00 5.86 -15.35
C LEU A 45 -0.79 6.77 -15.44
N GLU A 46 -0.83 7.85 -14.67
CA GLU A 46 0.24 8.83 -14.63
C GLU A 46 0.52 9.23 -13.19
N TRP A 47 1.79 9.34 -12.84
CA TRP A 47 2.23 9.65 -11.49
C TRP A 47 2.68 11.11 -11.45
N MET A 48 2.10 11.88 -10.52
CA MET A 48 2.35 13.32 -10.45
C MET A 48 3.34 13.69 -9.34
N GLY A 49 3.08 13.27 -8.11
CA GLY A 49 3.97 13.60 -7.03
C GLY A 49 3.55 12.88 -5.77
N ARG A 50 4.30 13.12 -4.69
CA ARG A 50 4.03 12.51 -3.41
C ARG A 50 4.40 13.45 -2.27
N ILE A 51 3.80 13.21 -1.12
CA ILE A 51 4.01 14.03 0.07
C ILE A 51 4.33 13.12 1.25
N LEU A 52 5.26 13.57 2.10
CA LEU A 52 5.49 12.95 3.40
C LEU A 52 4.78 13.81 4.43
N PRO A 53 3.66 13.37 4.99
CA PRO A 53 2.84 14.25 5.82
C PRO A 53 3.51 14.64 7.13
N THR A 54 3.99 13.65 7.87
CA THR A 54 4.55 13.92 9.20
C THR A 54 5.94 14.52 9.12
N PHE A 55 6.71 14.18 8.08
CA PHE A 55 8.06 14.69 7.94
C PHE A 55 8.15 15.95 7.08
N GLY A 56 7.03 16.42 6.55
CA GLY A 56 7.00 17.69 5.83
C GLY A 56 7.86 17.76 4.59
N THR A 57 7.78 16.75 3.73
CA THR A 57 8.50 16.73 2.46
C THR A 57 7.53 16.43 1.34
N ALA A 58 7.54 17.26 0.29
CA ALA A 58 6.59 17.10 -0.80
C ALA A 58 7.05 17.86 -2.02
N ASN A 59 7.13 17.16 -3.15
CA ASN A 59 7.27 17.81 -4.46
C ASN A 59 6.75 16.85 -5.52
N SER A 60 6.57 17.38 -6.73
CA SER A 60 5.95 16.67 -7.83
C SER A 60 6.96 16.39 -8.94
N ALA A 61 6.50 15.68 -9.97
CA ALA A 61 7.34 15.32 -11.08
C ALA A 61 7.75 16.57 -11.87
N GLN A 62 8.90 16.47 -12.55
CA GLN A 62 9.47 17.62 -13.23
C GLN A 62 8.51 18.17 -14.29
N LYS A 63 7.67 17.31 -14.85
CA LYS A 63 6.67 17.78 -15.82
C LYS A 63 5.64 18.66 -15.15
N PHE A 64 5.29 18.37 -13.90
CA PHE A 64 4.26 19.09 -13.16
C PHE A 64 4.81 20.15 -12.22
N GLN A 65 6.13 20.34 -12.15
CA GLN A 65 6.68 21.33 -11.23
C GLN A 65 6.32 22.74 -11.67
N GLY A 66 6.11 23.62 -10.69
CA GLY A 66 5.67 24.97 -10.94
C GLY A 66 4.19 25.11 -11.19
N ARG A 67 3.45 24.02 -11.18
CA ARG A 67 2.01 24.01 -11.42
C ARG A 67 1.23 23.28 -10.32
N VAL A 68 1.78 22.21 -9.78
CA VAL A 68 1.16 21.46 -8.69
C VAL A 68 1.80 21.87 -7.38
N THR A 69 1.04 21.75 -6.30
CA THR A 69 1.56 22.04 -4.95
C THR A 69 0.80 21.14 -3.98
N ILE A 70 1.47 20.09 -3.50
CA ILE A 70 0.87 19.14 -2.58
C ILE A 70 1.16 19.61 -1.15
N THR A 71 0.11 19.73 -0.34
CA THR A 71 0.22 20.12 1.06
C THR A 71 -0.57 19.14 1.91
N ALA A 72 -0.39 19.25 3.23
CA ALA A 72 -1.08 18.37 4.15
C ALA A 72 -1.48 19.14 5.40
N ASP A 73 -2.53 18.65 6.06
CA ASP A 73 -3.01 19.19 7.33
C ASP A 73 -3.03 18.03 8.33
N GLU A 74 -1.97 17.92 9.12
CA GLU A 74 -1.84 16.79 10.03
C GLU A 74 -2.91 16.79 11.12
N SER A 75 -3.42 17.96 11.50
CA SER A 75 -4.46 18.01 12.52
C SER A 75 -5.73 17.30 12.05
N THR A 76 -6.18 17.61 10.83
CA THR A 76 -7.37 17.00 10.28
C THR A 76 -7.09 15.73 9.48
N GLY A 77 -5.82 15.41 9.23
CA GLY A 77 -5.47 14.25 8.43
C GLY A 77 -5.94 14.37 7.00
N THR A 78 -5.73 15.54 6.39
CA THR A 78 -6.21 15.81 5.04
C THR A 78 -5.05 16.33 4.20
N ALA A 79 -4.86 15.76 3.02
CA ALA A 79 -3.83 16.18 2.08
C ALA A 79 -4.47 16.79 0.85
N TYR A 80 -3.86 17.84 0.33
CA TYR A 80 -4.40 18.58 -0.80
C TYR A 80 -3.45 18.52 -1.98
N MET A 81 -4.00 18.68 -3.18
CA MET A 81 -3.25 18.62 -4.43
C MET A 81 -3.66 19.77 -5.34
N GLU A 82 -3.59 20.99 -4.81
CA GLU A 82 -3.95 22.18 -5.56
C GLU A 82 -3.20 22.24 -6.89
N LEU A 83 -3.94 22.38 -7.99
CA LEU A 83 -3.39 22.38 -9.34
C LEU A 83 -3.85 23.65 -10.04
N ARG A 84 -2.90 24.40 -10.59
CA ARG A 84 -3.17 25.70 -11.18
C ARG A 84 -3.07 25.63 -12.69
N SER A 85 -3.54 26.71 -13.34
CA SER A 85 -3.47 26.86 -14.79
C SER A 85 -4.05 25.64 -15.52
N LEU A 86 -5.30 25.33 -15.18
CA LEU A 86 -5.95 24.14 -15.72
C LEU A 86 -6.05 24.23 -17.24
N ARG A 87 -5.68 23.14 -17.92
CA ARG A 87 -5.69 23.06 -19.37
C ARG A 87 -6.70 22.00 -19.80
N SER A 88 -7.15 22.11 -21.05
CA SER A 88 -8.17 21.20 -21.55
C SER A 88 -7.72 19.74 -21.53
N GLU A 89 -6.42 19.49 -21.54
CA GLU A 89 -5.89 18.13 -21.46
C GLU A 89 -5.64 17.67 -20.03
N ASP A 90 -5.98 18.49 -19.04
CA ASP A 90 -5.82 18.13 -17.63
C ASP A 90 -7.06 17.44 -17.07
N THR A 91 -8.07 17.17 -17.88
CA THR A 91 -9.22 16.42 -17.42
C THR A 91 -8.87 14.94 -17.27
N ALA A 92 -9.17 14.37 -16.12
CA ALA A 92 -8.81 12.99 -15.79
C ALA A 92 -9.53 12.62 -14.50
N VAL A 93 -9.20 11.45 -13.98
CA VAL A 93 -9.66 10.99 -12.66
C VAL A 93 -8.44 10.93 -11.76
N TYR A 94 -8.42 11.77 -10.72
CA TYR A 94 -7.25 11.93 -9.87
C TYR A 94 -7.40 11.04 -8.64
N TYR A 95 -6.38 10.24 -8.36
CA TYR A 95 -6.38 9.34 -7.22
C TYR A 95 -5.33 9.75 -6.20
N CYS A 96 -5.47 9.20 -5.00
CA CYS A 96 -4.53 9.44 -3.90
C CYS A 96 -4.37 8.07 -3.27
N ALA A 97 -3.13 7.67 -3.00
CA ALA A 97 -2.90 6.36 -2.40
C ALA A 97 -1.64 6.29 -1.56
N LYS A 98 -1.78 5.81 -0.33
CA LYS A 98 -0.65 5.65 0.57
C LYS A 98 0.28 4.56 0.05
N GLU A 99 1.58 4.77 0.25
CA GLU A 99 2.57 3.89 -0.36
C GLU A 99 3.75 3.53 0.53
N GLY A 100 3.69 3.79 1.83
CA GLY A 100 4.81 3.45 2.69
C GLY A 100 5.84 4.56 2.74
N LEU A 101 6.44 4.83 3.91
CA LEU A 101 7.44 5.91 4.08
C LEU A 101 8.46 6.28 2.96
N ALA A 102 9.33 5.37 2.56
CA ALA A 102 10.31 5.68 1.51
C ALA A 102 9.74 5.39 0.12
N PHE A 103 10.22 6.10 -0.90
CA PHE A 103 9.67 5.92 -2.25
C PHE A 103 10.14 4.74 -3.09
N LEU A 104 11.01 3.88 -2.57
CA LEU A 104 11.44 2.73 -3.35
C LEU A 104 11.09 1.47 -2.58
N GLY A 105 10.35 0.57 -3.22
CA GLY A 105 9.92 -0.63 -2.53
C GLY A 105 8.46 -0.99 -2.62
N TYR A 106 7.75 -0.87 -1.49
CA TYR A 106 6.44 -1.48 -1.29
C TYR A 106 5.42 -1.17 -2.37
N GLY A 107 5.04 0.08 -2.55
CA GLY A 107 4.04 0.40 -3.53
C GLY A 107 2.72 0.81 -2.89
N MET A 108 1.87 1.43 -3.70
CA MET A 108 0.59 1.95 -3.22
C MET A 108 -0.39 0.81 -3.00
N ASP A 109 -0.67 0.49 -1.73
CA ASP A 109 -1.55 -0.61 -1.39
C ASP A 109 -2.98 -0.19 -1.09
N VAL A 110 -3.20 1.01 -0.54
CA VAL A 110 -4.52 1.52 -0.25
C VAL A 110 -4.74 2.75 -1.12
N TRP A 111 -5.76 2.69 -1.97
CA TRP A 111 -6.06 3.76 -2.90
C TRP A 111 -7.27 4.56 -2.40
N GLY A 112 -7.47 5.72 -3.03
CA GLY A 112 -8.61 6.54 -2.72
C GLY A 112 -9.85 6.06 -3.44
N GLN A 113 -10.59 6.98 -4.05
CA GLN A 113 -11.78 6.61 -4.81
C GLN A 113 -11.90 7.28 -6.17
N GLY A 114 -11.13 8.33 -6.44
CA GLY A 114 -11.23 9.01 -7.71
C GLY A 114 -12.00 10.31 -7.61
N THR A 115 -11.45 11.35 -8.20
CA THR A 115 -12.06 12.70 -8.21
C THR A 115 -12.07 13.16 -9.66
N THR A 116 -13.19 12.94 -10.34
CA THR A 116 -13.30 13.32 -11.74
C THR A 116 -13.25 14.84 -11.87
N VAL A 117 -12.30 15.34 -12.66
CA VAL A 117 -12.12 16.76 -12.87
C VAL A 117 -12.36 17.02 -14.35
N THR A 118 -13.52 17.58 -14.68
CA THR A 118 -13.88 17.90 -16.07
C THR A 118 -13.61 19.38 -16.28
N VAL A 119 -12.65 19.68 -17.16
CA VAL A 119 -12.32 21.07 -17.43
C VAL A 119 -12.62 21.46 -18.87
N SER A 120 -13.68 22.26 -19.04
CA SER A 120 -14.09 22.71 -20.35
C SER A 120 -14.82 24.05 -20.22
N SER A 121 -15.10 24.68 -21.35
CA SER A 121 -15.79 25.96 -21.34
C SER A 121 -17.21 25.85 -21.90
N ALA A 122 -18.03 25.03 -21.25
CA ALA A 122 -19.44 24.93 -21.59
C ALA A 122 -20.31 25.02 -20.34
N SER A 123 -21.57 25.40 -20.52
CA SER A 123 -22.49 25.53 -19.40
C SER A 123 -23.45 24.35 -19.32
N THR A 124 -23.92 24.06 -18.10
CA THR A 124 -24.84 22.96 -17.86
C THR A 124 -26.04 23.00 -18.80
N LYS A 125 -26.00 22.14 -19.82
CA LYS A 125 -27.08 22.08 -20.82
C LYS A 125 -27.81 20.74 -20.76
N GLY A 126 -29.14 20.80 -20.87
CA GLY A 126 -29.95 19.61 -20.85
C GLY A 126 -29.83 18.80 -22.13
N PRO A 127 -30.08 17.50 -22.04
CA PRO A 127 -30.02 16.65 -23.24
C PRO A 127 -31.16 16.95 -24.20
N SER A 128 -30.91 16.66 -25.47
CA SER A 128 -31.92 16.77 -26.53
C SER A 128 -32.16 15.37 -27.06
N VAL A 129 -33.15 14.68 -26.50
CA VAL A 129 -33.42 13.29 -26.88
C VAL A 129 -34.10 13.25 -28.24
N PHE A 130 -33.55 12.44 -29.14
CA PHE A 130 -34.11 12.25 -30.46
C PHE A 130 -34.31 10.76 -30.71
N PRO A 131 -35.39 10.38 -31.39
CA PRO A 131 -35.71 8.96 -31.53
C PRO A 131 -35.00 8.28 -32.68
N LEU A 132 -34.68 7.01 -32.46
CA LEU A 132 -34.09 6.13 -33.47
C LEU A 132 -35.17 5.09 -33.80
N ALA A 133 -36.00 5.40 -34.79
CA ALA A 133 -37.12 4.55 -35.12
C ALA A 133 -36.65 3.21 -35.66
N PRO A 134 -37.44 2.14 -35.48
CA PRO A 134 -37.05 0.85 -36.05
C PRO A 134 -37.18 0.85 -37.56
N SER A 135 -36.21 1.50 -38.22
CA SER A 135 -36.25 1.65 -39.66
C SER A 135 -35.83 0.36 -40.36
N SER A 136 -36.19 0.25 -41.63
CA SER A 136 -35.81 -0.85 -42.50
C SER A 136 -36.23 -2.20 -41.90
N LYS A 137 -37.55 -2.36 -41.81
CA LYS A 137 -38.11 -3.59 -41.25
C LYS A 137 -37.95 -4.70 -42.29
N SER A 138 -36.71 -5.10 -42.53
CA SER A 138 -36.41 -6.21 -43.44
C SER A 138 -35.27 -7.11 -42.96
N THR A 139 -34.66 -6.84 -41.80
CA THR A 139 -33.43 -7.49 -41.39
C THR A 139 -33.54 -9.01 -41.30
N SER A 140 -34.35 -9.51 -40.37
CA SER A 140 -34.43 -10.95 -40.17
C SER A 140 -35.85 -11.46 -39.91
N GLY A 141 -36.86 -10.61 -39.93
CA GLY A 141 -38.22 -11.03 -39.65
C GLY A 141 -38.35 -11.69 -38.30
N GLY A 142 -38.16 -10.93 -37.24
CA GLY A 142 -38.16 -11.48 -35.89
C GLY A 142 -37.19 -10.79 -34.96
N THR A 143 -36.37 -9.89 -35.49
CA THR A 143 -35.49 -9.06 -34.69
C THR A 143 -35.56 -7.62 -35.17
N ALA A 144 -35.35 -6.69 -34.24
CA ALA A 144 -35.37 -5.27 -34.55
C ALA A 144 -34.64 -4.53 -33.45
N ALA A 145 -33.94 -3.46 -33.83
CA ALA A 145 -33.23 -2.61 -32.88
C ALA A 145 -33.76 -1.20 -33.02
N LEU A 146 -34.03 -0.56 -31.89
CA LEU A 146 -34.51 0.80 -31.86
C LEU A 146 -34.02 1.48 -30.59
N GLY A 147 -34.08 2.80 -30.55
CA GLY A 147 -33.63 3.54 -29.38
C GLY A 147 -33.41 5.02 -29.64
N CYS A 148 -33.45 5.80 -28.57
CA CYS A 148 -33.24 7.25 -28.68
C CYS A 148 -31.77 7.60 -28.60
N LEU A 149 -31.42 8.77 -29.11
CA LEU A 149 -30.04 9.22 -29.11
C LEU A 149 -29.87 10.55 -28.40
N VAL A 150 -29.34 10.52 -27.19
CA VAL A 150 -29.12 11.73 -26.41
C VAL A 150 -27.95 12.48 -27.03
N LYS A 151 -28.18 13.75 -27.35
CA LYS A 151 -27.17 14.57 -27.99
C LYS A 151 -27.12 15.95 -27.34
N ASP A 152 -25.90 16.52 -27.31
CA ASP A 152 -25.66 17.90 -26.90
C ASP A 152 -26.12 18.14 -25.46
N TYR A 153 -25.46 17.44 -24.54
CA TYR A 153 -25.65 17.66 -23.11
C TYR A 153 -24.29 17.85 -22.45
N PHE A 154 -24.30 18.57 -21.32
CA PHE A 154 -23.08 18.83 -20.58
C PHE A 154 -23.45 19.18 -19.15
N PRO A 155 -22.76 18.63 -18.14
CA PRO A 155 -21.70 17.64 -18.27
C PRO A 155 -22.19 16.22 -18.02
N GLU A 156 -21.26 15.27 -17.93
CA GLU A 156 -21.60 13.90 -17.61
C GLU A 156 -22.09 13.80 -16.16
N PRO A 157 -22.93 12.79 -15.85
CA PRO A 157 -23.50 11.80 -16.76
C PRO A 157 -25.00 11.97 -16.98
N VAL A 158 -25.54 11.16 -17.91
CA VAL A 158 -26.98 11.02 -18.09
C VAL A 158 -27.29 9.54 -18.11
N THR A 159 -28.39 9.16 -17.45
CA THR A 159 -28.75 7.76 -17.27
C THR A 159 -30.02 7.47 -18.07
N VAL A 160 -29.90 6.57 -19.04
CA VAL A 160 -31.04 6.19 -19.87
C VAL A 160 -31.60 4.86 -19.37
N SER A 161 -32.93 4.79 -19.25
CA SER A 161 -33.62 3.56 -18.89
C SER A 161 -34.83 3.41 -19.81
N TRP A 162 -35.27 2.17 -19.97
CA TRP A 162 -36.35 1.84 -20.90
C TRP A 162 -37.54 1.29 -20.14
N ASN A 163 -38.73 1.84 -20.42
CA ASN A 163 -39.97 1.43 -19.79
C ASN A 163 -39.88 1.48 -18.26
N SER A 164 -39.30 2.57 -17.75
CA SER A 164 -39.18 2.81 -16.31
C SER A 164 -38.47 1.67 -15.61
N GLY A 165 -37.43 1.15 -16.25
CA GLY A 165 -36.62 0.09 -15.66
C GLY A 165 -37.21 -1.30 -15.78
N ALA A 166 -38.34 -1.46 -16.45
CA ALA A 166 -38.97 -2.76 -16.60
C ALA A 166 -38.44 -3.54 -17.79
N LEU A 167 -37.51 -2.98 -18.55
CA LEU A 167 -36.97 -3.61 -19.74
C LEU A 167 -35.46 -3.44 -19.74
N THR A 168 -34.73 -4.53 -19.56
CA THR A 168 -33.28 -4.51 -19.58
C THR A 168 -32.64 -5.60 -20.43
N SER A 169 -33.41 -6.58 -20.90
CA SER A 169 -32.85 -7.64 -21.74
C SER A 169 -32.50 -7.07 -23.11
N GLY A 170 -31.24 -7.23 -23.51
CA GLY A 170 -30.79 -6.74 -24.80
C GLY A 170 -30.79 -5.22 -24.92
N VAL A 171 -30.31 -4.53 -23.89
CA VAL A 171 -30.25 -3.06 -23.88
C VAL A 171 -28.79 -2.65 -23.85
N HIS A 172 -28.38 -1.86 -24.83
CA HIS A 172 -27.02 -1.37 -24.93
C HIS A 172 -27.01 0.14 -24.75
N THR A 173 -26.13 0.62 -23.88
CA THR A 173 -25.96 2.05 -23.63
C THR A 173 -24.49 2.38 -23.87
N PHE A 174 -24.21 3.01 -25.02
CA PHE A 174 -22.84 3.24 -25.42
C PHE A 174 -22.21 4.35 -24.59
N PRO A 175 -20.91 4.30 -24.37
CA PRO A 175 -20.24 5.39 -23.65
C PRO A 175 -20.35 6.72 -24.39
N ALA A 176 -20.47 7.79 -23.61
CA ALA A 176 -20.57 9.12 -24.19
C ALA A 176 -19.24 9.54 -24.82
N VAL A 177 -19.34 10.15 -26.00
CA VAL A 177 -18.19 10.66 -26.73
C VAL A 177 -18.27 12.18 -26.78
N LEU A 178 -17.16 12.84 -26.48
CA LEU A 178 -17.11 14.29 -26.46
C LEU A 178 -17.02 14.82 -27.88
N GLN A 179 -17.97 15.66 -28.27
CA GLN A 179 -17.98 16.24 -29.60
C GLN A 179 -16.95 17.37 -29.70
N SER A 180 -16.79 17.89 -30.91
CA SER A 180 -15.88 19.02 -31.10
C SER A 180 -16.41 20.27 -30.43
N SER A 181 -17.73 20.46 -30.43
CA SER A 181 -18.33 21.67 -29.86
C SER A 181 -18.08 21.76 -28.37
N GLY A 182 -17.83 20.63 -27.71
CA GLY A 182 -17.57 20.63 -26.28
C GLY A 182 -18.66 19.94 -25.49
N LEU A 183 -19.69 19.49 -26.19
CA LEU A 183 -20.82 18.80 -25.57
C LEU A 183 -20.74 17.31 -25.84
N TYR A 184 -21.32 16.53 -24.92
CA TYR A 184 -21.26 15.07 -25.01
C TYR A 184 -22.44 14.53 -25.79
N SER A 185 -22.39 13.22 -26.06
CA SER A 185 -23.46 12.53 -26.77
C SER A 185 -23.34 11.02 -26.58
N LEU A 186 -24.46 10.35 -26.37
CA LEU A 186 -24.47 8.89 -26.29
C LEU A 186 -25.80 8.37 -26.81
N SER A 187 -25.76 7.16 -27.36
CA SER A 187 -26.97 6.49 -27.82
C SER A 187 -27.37 5.41 -26.82
N SER A 188 -28.56 4.85 -27.03
CA SER A 188 -29.03 3.73 -26.22
C SER A 188 -30.03 2.95 -27.04
N VAL A 189 -29.65 1.77 -27.48
CA VAL A 189 -30.48 0.95 -28.36
C VAL A 189 -30.86 -0.33 -27.63
N VAL A 190 -32.00 -0.90 -28.02
CA VAL A 190 -32.50 -2.14 -27.45
C VAL A 190 -32.92 -3.05 -28.59
N THR A 191 -32.55 -4.32 -28.50
CA THR A 191 -32.94 -5.30 -29.51
C THR A 191 -34.32 -5.86 -29.16
N VAL A 192 -35.26 -5.76 -30.09
CA VAL A 192 -36.66 -6.09 -29.84
C VAL A 192 -37.17 -7.01 -30.94
N PRO A 193 -37.86 -8.10 -30.59
CA PRO A 193 -38.44 -8.97 -31.62
C PRO A 193 -39.46 -8.22 -32.47
N SER A 194 -39.50 -8.56 -33.76
CA SER A 194 -40.36 -7.86 -34.70
C SER A 194 -41.84 -8.06 -34.42
N SER A 195 -42.20 -9.10 -33.67
CA SER A 195 -43.61 -9.34 -33.36
C SER A 195 -44.16 -8.25 -32.45
N SER A 196 -43.35 -7.79 -31.49
CA SER A 196 -43.81 -6.81 -30.52
C SER A 196 -44.01 -5.43 -31.12
N LEU A 197 -43.42 -5.15 -32.29
CA LEU A 197 -43.57 -3.85 -32.92
C LEU A 197 -45.02 -3.61 -33.32
N GLY A 198 -45.51 -2.41 -33.02
CA GLY A 198 -46.87 -2.04 -33.33
C GLY A 198 -47.90 -2.39 -32.28
N THR A 199 -47.52 -3.13 -31.25
CA THR A 199 -48.38 -3.48 -30.13
C THR A 199 -47.82 -3.01 -28.80
N GLN A 200 -46.52 -3.17 -28.58
CA GLN A 200 -45.83 -2.68 -27.40
C GLN A 200 -45.20 -1.32 -27.69
N THR A 201 -45.24 -0.45 -26.69
CA THR A 201 -44.69 0.89 -26.80
C THR A 201 -43.50 1.03 -25.86
N TYR A 202 -42.38 1.49 -26.40
CA TYR A 202 -41.17 1.67 -25.61
C TYR A 202 -40.88 3.15 -25.43
N ILE A 203 -40.48 3.52 -24.22
CA ILE A 203 -40.19 4.92 -23.90
C ILE A 203 -38.93 5.05 -23.05
N CYS A 204 -37.94 5.75 -23.60
CA CYS A 204 -36.68 5.94 -22.87
C CYS A 204 -36.74 7.20 -22.02
N ASN A 205 -36.58 7.03 -20.71
CA ASN A 205 -36.61 8.16 -19.79
C ASN A 205 -35.21 8.52 -19.30
N VAL A 206 -34.69 9.64 -19.80
CA VAL A 206 -33.36 10.09 -19.44
C VAL A 206 -33.44 10.82 -18.10
N ASN A 207 -32.32 10.85 -17.38
CA ASN A 207 -32.23 11.49 -16.07
C ASN A 207 -30.88 12.19 -15.99
N HIS A 208 -30.86 13.46 -16.36
CA HIS A 208 -29.67 14.30 -16.27
C HIS A 208 -29.73 15.04 -14.94
N LYS A 209 -28.76 14.77 -14.06
CA LYS A 209 -28.84 15.32 -12.71
C LYS A 209 -28.39 16.78 -12.62
N PRO A 210 -27.29 17.21 -13.26
CA PRO A 210 -26.92 18.63 -13.18
C PRO A 210 -28.03 19.59 -13.61
N SER A 211 -28.83 19.21 -14.61
CA SER A 211 -29.89 20.07 -15.11
C SER A 211 -31.29 19.55 -14.81
N ASN A 212 -31.40 18.55 -13.92
CA ASN A 212 -32.64 17.94 -13.45
C ASN A 212 -33.72 17.82 -14.53
N THR A 213 -33.36 17.28 -15.70
CA THR A 213 -34.29 17.08 -16.79
C THR A 213 -34.82 15.66 -16.78
N LYS A 214 -36.13 15.51 -16.98
CA LYS A 214 -36.78 14.20 -17.04
C LYS A 214 -37.61 14.16 -18.32
N VAL A 215 -37.03 13.60 -19.38
CA VAL A 215 -37.67 13.55 -20.68
C VAL A 215 -38.24 12.15 -20.91
N ASP A 216 -39.34 12.09 -21.65
CA ASP A 216 -39.99 10.81 -22.00
C ASP A 216 -40.27 10.83 -23.50
N LYS A 217 -39.43 10.16 -24.27
CA LYS A 217 -39.57 10.10 -25.72
C LYS A 217 -40.05 8.70 -26.10
N LYS A 218 -41.25 8.62 -26.66
CA LYS A 218 -41.78 7.36 -27.14
C LYS A 218 -41.32 7.12 -28.58
N VAL A 219 -40.68 5.99 -28.82
CA VAL A 219 -40.14 5.65 -30.13
C VAL A 219 -41.14 4.77 -30.87
N GLU A 220 -41.48 5.18 -32.08
CA GLU A 220 -42.47 4.52 -32.92
C GLU A 220 -41.90 4.20 -34.30
N PRO A 221 -42.61 3.39 -35.10
CA PRO A 221 -42.17 3.15 -36.48
C PRO A 221 -42.08 4.42 -37.31
N LYS A 222 -41.66 4.28 -38.57
CA LYS A 222 -41.35 5.44 -39.41
C LYS A 222 -42.61 6.13 -39.90
N SER A 223 -43.49 6.53 -38.97
CA SER A 223 -44.72 7.27 -39.29
C SER A 223 -45.60 6.52 -40.28
N CYS A 224 -45.46 5.20 -40.34
CA CYS A 224 -46.23 4.35 -41.26
C CYS A 224 -46.08 4.81 -42.71
N GLU B 1 14.98 8.90 -16.49
CA GLU B 1 13.55 8.62 -16.58
C GLU B 1 13.35 7.26 -17.25
N ILE B 2 13.12 6.24 -16.42
CA ILE B 2 12.98 4.88 -16.92
C ILE B 2 11.64 4.72 -17.65
N VAL B 3 11.68 4.10 -18.82
CA VAL B 3 10.50 3.88 -19.64
C VAL B 3 10.16 2.39 -19.59
N LEU B 4 8.99 2.08 -19.06
CA LEU B 4 8.50 0.70 -19.05
C LEU B 4 7.60 0.47 -20.26
N THR B 5 7.63 -0.76 -20.77
CA THR B 5 6.80 -1.12 -21.92
C THR B 5 6.31 -2.55 -21.71
N GLN B 6 4.99 -2.71 -21.70
CA GLN B 6 4.40 -4.03 -21.53
C GLN B 6 4.09 -4.66 -22.88
N SER B 7 4.00 -5.99 -22.89
CA SER B 7 3.73 -6.73 -24.11
C SER B 7 3.08 -8.05 -23.74
N PRO B 8 2.04 -8.48 -24.47
CA PRO B 8 1.45 -7.76 -25.60
C PRO B 8 0.44 -6.72 -25.18
N GLY B 9 -0.35 -6.22 -26.12
CA GLY B 9 -1.29 -5.15 -25.85
C GLY B 9 -2.63 -5.60 -25.32
N THR B 10 -3.14 -6.72 -25.82
CA THR B 10 -4.45 -7.20 -25.37
C THR B 10 -4.42 -8.55 -24.66
N LEU B 11 -3.70 -9.51 -25.21
CA LEU B 11 -3.58 -10.85 -24.62
C LEU B 11 -4.93 -11.46 -24.26
N SER B 12 -5.76 -11.74 -25.26
CA SER B 12 -7.07 -12.33 -25.04
C SER B 12 -7.01 -13.85 -24.97
N LEU B 13 -7.57 -14.42 -23.91
CA LEU B 13 -7.56 -15.87 -23.73
C LEU B 13 -8.94 -16.42 -23.39
N SER B 14 -8.96 -17.60 -22.76
CA SER B 14 -10.18 -18.25 -22.34
C SER B 14 -10.12 -18.57 -20.86
N PRO B 15 -11.26 -18.69 -20.18
CA PRO B 15 -11.24 -18.96 -18.74
C PRO B 15 -10.67 -20.34 -18.45
N GLY B 16 -9.66 -20.39 -17.61
CA GLY B 16 -8.97 -21.62 -17.25
C GLY B 16 -7.58 -21.76 -17.83
N GLU B 17 -7.17 -20.87 -18.73
CA GLU B 17 -5.85 -20.93 -19.33
C GLU B 17 -4.84 -20.25 -18.41
N ARG B 18 -3.62 -20.05 -18.92
CA ARG B 18 -2.53 -19.44 -18.16
C ARG B 18 -2.06 -18.18 -18.88
N ALA B 19 -1.98 -17.07 -18.15
CA ALA B 19 -1.59 -15.79 -18.70
C ALA B 19 -0.13 -15.50 -18.42
N THR B 20 0.48 -14.70 -19.29
CA THR B 20 1.90 -14.35 -19.16
C THR B 20 2.08 -12.92 -19.66
N LEU B 21 2.32 -12.00 -18.75
CA LEU B 21 2.52 -10.59 -19.10
C LEU B 21 3.98 -10.22 -18.89
N SER B 22 4.47 -9.26 -19.66
CA SER B 22 5.85 -8.82 -19.55
C SER B 22 5.96 -7.32 -19.36
N CYS B 23 6.87 -6.90 -18.48
CA CYS B 23 7.07 -5.48 -18.20
C CYS B 23 8.52 -5.09 -18.46
N ARG B 24 8.98 -5.36 -19.68
CA ARG B 24 10.36 -5.05 -20.07
C ARG B 24 10.75 -3.62 -19.76
N ALA B 25 11.59 -3.44 -18.75
CA ALA B 25 12.06 -2.11 -18.34
C ALA B 25 13.09 -1.59 -19.33
N SER B 26 13.19 -0.26 -19.42
CA SER B 26 14.14 0.36 -20.33
C SER B 26 15.54 0.40 -19.75
N GLN B 27 15.66 0.90 -18.54
CA GLN B 27 16.96 0.99 -17.88
C GLN B 27 17.26 -0.33 -17.18
N SER B 28 17.30 -0.30 -15.85
CA SER B 28 17.60 -1.50 -15.08
C SER B 28 17.14 -1.41 -13.63
N VAL B 29 15.84 -1.39 -13.40
CA VAL B 29 15.36 -1.35 -12.02
C VAL B 29 15.83 -2.64 -11.37
N SER B 30 16.46 -2.54 -10.21
CA SER B 30 16.99 -3.70 -9.51
C SER B 30 16.01 -4.86 -9.37
N SER B 31 14.97 -4.65 -8.58
CA SER B 31 13.95 -5.66 -8.37
C SER B 31 12.68 -5.04 -7.82
N TYR B 32 12.60 -3.71 -7.91
CA TYR B 32 11.45 -2.98 -7.44
C TYR B 32 10.47 -2.76 -8.57
N LEU B 33 9.42 -3.58 -8.58
CA LEU B 33 8.39 -3.50 -9.60
C LEU B 33 7.08 -3.94 -8.97
N ALA B 34 6.04 -3.12 -9.10
CA ALA B 34 4.74 -3.41 -8.54
C ALA B 34 3.75 -3.66 -9.66
N TRP B 35 2.86 -4.63 -9.46
CA TRP B 35 1.83 -4.97 -10.43
C TRP B 35 0.47 -4.62 -9.88
N TYR B 36 -0.34 -3.92 -10.68
CA TYR B 36 -1.65 -3.46 -10.27
C TYR B 36 -2.70 -4.03 -11.20
N GLN B 37 -3.93 -4.14 -10.69
CA GLN B 37 -5.07 -4.63 -11.46
C GLN B 37 -6.19 -3.60 -11.36
N GLN B 38 -6.68 -3.13 -12.50
CA GLN B 38 -7.73 -2.13 -12.55
C GLN B 38 -8.92 -2.68 -13.32
N LYS B 39 -10.02 -2.87 -12.63
CA LYS B 39 -11.25 -3.27 -13.31
C LYS B 39 -11.99 -2.03 -13.80
N PRO B 40 -12.80 -2.15 -14.85
CA PRO B 40 -13.49 -0.97 -15.41
C PRO B 40 -14.32 -0.21 -14.39
N GLY B 41 -14.15 1.10 -14.35
CA GLY B 41 -14.87 1.94 -13.40
C GLY B 41 -14.53 1.71 -11.95
N GLN B 42 -13.27 1.37 -11.66
CA GLN B 42 -12.82 1.10 -10.30
C GLN B 42 -11.41 1.65 -10.13
N ALA B 43 -10.89 1.56 -8.92
CA ALA B 43 -9.54 1.99 -8.63
C ALA B 43 -8.57 0.82 -8.72
N PRO B 44 -7.33 1.05 -9.16
CA PRO B 44 -6.35 -0.03 -9.22
C PRO B 44 -6.04 -0.57 -7.83
N ARG B 45 -5.69 -1.85 -7.77
CA ARG B 45 -5.28 -2.48 -6.52
C ARG B 45 -3.97 -3.21 -6.71
N LEU B 46 -3.12 -3.18 -5.69
CA LEU B 46 -1.82 -3.80 -5.75
C LEU B 46 -1.92 -5.31 -5.69
N LEU B 47 -1.15 -5.99 -6.53
CA LEU B 47 -1.11 -7.46 -6.53
C LEU B 47 0.25 -7.98 -6.10
N ILE B 48 1.32 -7.60 -6.78
CA ILE B 48 2.66 -8.15 -6.57
C ILE B 48 3.60 -6.97 -6.36
N TYR B 49 4.27 -6.93 -5.23
CA TYR B 49 5.25 -5.89 -4.96
C TYR B 49 6.63 -6.51 -4.75
N ASP B 50 7.66 -5.70 -4.98
CA ASP B 50 9.05 -6.15 -5.01
C ASP B 50 9.27 -7.26 -6.03
N ALA B 51 8.36 -7.38 -7.00
CA ALA B 51 8.44 -8.27 -8.15
C ALA B 51 8.22 -9.73 -7.78
N SER B 52 8.19 -10.06 -6.49
CA SER B 52 7.91 -11.43 -6.08
C SER B 52 7.02 -11.56 -4.85
N ASN B 53 6.65 -10.47 -4.20
CA ASN B 53 5.93 -10.52 -2.93
C ASN B 53 4.45 -10.28 -3.20
N ARG B 54 3.61 -11.21 -2.76
CA ARG B 54 2.18 -11.09 -2.95
C ARG B 54 1.57 -10.22 -1.87
N ALA B 55 0.77 -9.25 -2.27
CA ALA B 55 0.12 -8.36 -1.31
C ALA B 55 -0.93 -9.11 -0.51
N THR B 56 -1.34 -8.52 0.60
CA THR B 56 -2.29 -9.18 1.50
C THR B 56 -3.65 -9.32 0.83
N GLY B 57 -4.25 -10.51 0.98
CA GLY B 57 -5.54 -10.80 0.41
C GLY B 57 -5.54 -11.28 -1.02
N ILE B 58 -4.39 -11.26 -1.68
CA ILE B 58 -4.32 -11.66 -3.09
C ILE B 58 -4.31 -13.19 -3.17
N PRO B 59 -5.08 -13.80 -4.07
CA PRO B 59 -5.05 -15.26 -4.19
C PRO B 59 -3.70 -15.76 -4.69
N ALA B 60 -3.40 -17.02 -4.40
CA ALA B 60 -2.09 -17.59 -4.68
C ALA B 60 -1.83 -17.81 -6.16
N ARG B 61 -2.82 -17.64 -7.04
CA ARG B 61 -2.61 -17.89 -8.46
C ARG B 61 -1.77 -16.80 -9.11
N PHE B 62 -1.70 -15.61 -8.53
CA PHE B 62 -0.86 -14.54 -9.08
C PHE B 62 0.57 -14.74 -8.60
N ILE B 63 1.48 -15.02 -9.53
CA ILE B 63 2.89 -15.22 -9.21
C ILE B 63 3.72 -14.31 -10.12
N GLY B 64 4.68 -13.61 -9.53
CA GLY B 64 5.57 -12.75 -10.28
C GLY B 64 7.01 -13.20 -10.16
N SER B 65 7.80 -12.86 -11.18
CA SER B 65 9.21 -13.25 -11.23
C SER B 65 9.96 -12.19 -12.02
N GLY B 66 11.21 -12.50 -12.37
CA GLY B 66 12.04 -11.59 -13.13
C GLY B 66 12.83 -10.64 -12.24
N SER B 67 13.90 -10.11 -12.82
CA SER B 67 14.76 -9.14 -12.16
C SER B 67 15.57 -8.43 -13.23
N GLY B 68 16.07 -7.24 -12.87
CA GLY B 68 16.86 -6.47 -13.81
C GLY B 68 16.01 -5.63 -14.74
N THR B 69 15.90 -6.05 -15.99
CA THR B 69 15.13 -5.29 -16.97
C THR B 69 13.98 -6.09 -17.57
N ASP B 70 13.85 -7.38 -17.23
CA ASP B 70 12.81 -8.23 -17.80
C ASP B 70 12.05 -8.86 -16.64
N PHE B 71 10.74 -8.60 -16.58
CA PHE B 71 9.88 -9.14 -15.55
C PHE B 71 8.74 -9.94 -16.18
N THR B 72 7.93 -10.57 -15.33
CA THR B 72 6.83 -11.40 -15.81
C THR B 72 5.82 -11.60 -14.69
N LEU B 73 4.55 -11.42 -14.99
CA LEU B 73 3.44 -11.77 -14.11
C LEU B 73 2.66 -12.91 -14.74
N THR B 74 2.44 -13.98 -13.97
CA THR B 74 1.81 -15.18 -14.49
C THR B 74 0.59 -15.52 -13.64
N ILE B 75 -0.55 -15.68 -14.29
CA ILE B 75 -1.76 -16.15 -13.62
C ILE B 75 -1.98 -17.61 -14.00
N SER B 76 -1.96 -18.48 -12.99
CA SER B 76 -1.98 -19.91 -13.23
C SER B 76 -3.33 -20.42 -13.74
N SER B 77 -4.43 -19.92 -13.18
CA SER B 77 -5.78 -20.35 -13.56
C SER B 77 -6.69 -19.13 -13.60
N LEU B 78 -7.03 -18.71 -14.81
CA LEU B 78 -7.91 -17.54 -14.97
C LEU B 78 -9.31 -17.84 -14.45
N GLU B 79 -9.89 -16.84 -13.80
CA GLU B 79 -11.25 -16.88 -13.28
C GLU B 79 -12.01 -15.68 -13.84
N PRO B 80 -13.34 -15.72 -13.81
CA PRO B 80 -14.11 -14.63 -14.43
C PRO B 80 -13.80 -13.25 -13.87
N GLU B 81 -13.30 -13.14 -12.64
CA GLU B 81 -12.91 -11.85 -12.08
C GLU B 81 -11.41 -11.59 -12.24
N ASP B 82 -10.74 -12.30 -13.14
CA ASP B 82 -9.34 -12.09 -13.42
C ASP B 82 -9.11 -11.37 -14.75
N PHE B 83 -10.18 -10.90 -15.40
CA PHE B 83 -10.08 -10.19 -16.66
C PHE B 83 -10.16 -8.69 -16.39
N ALA B 84 -9.02 -8.02 -16.53
CA ALA B 84 -8.94 -6.59 -16.23
C ALA B 84 -7.73 -6.02 -16.98
N VAL B 85 -7.32 -4.81 -16.61
CA VAL B 85 -6.13 -4.18 -17.16
C VAL B 85 -5.04 -4.22 -16.10
N TYR B 86 -3.85 -4.65 -16.49
CA TYR B 86 -2.74 -4.87 -15.56
C TYR B 86 -1.64 -3.87 -15.85
N PHE B 87 -1.25 -3.11 -14.83
CA PHE B 87 -0.20 -2.10 -14.96
C PHE B 87 1.01 -2.50 -14.12
N CYS B 88 2.18 -2.09 -14.55
CA CYS B 88 3.40 -2.37 -13.80
C CYS B 88 4.11 -1.05 -13.55
N GLN B 89 4.59 -0.85 -12.33
CA GLN B 89 5.26 0.38 -11.97
C GLN B 89 6.65 0.13 -11.40
N GLN B 90 7.63 0.92 -11.83
CA GLN B 90 8.99 0.77 -11.34
C GLN B 90 9.20 1.75 -10.19
N ARG B 91 9.44 1.23 -9.00
CA ARG B 91 9.65 2.08 -7.84
C ARG B 91 11.14 2.16 -7.52
N SER B 92 11.95 2.26 -8.56
CA SER B 92 13.39 2.36 -8.41
C SER B 92 13.76 3.74 -7.91
N ASN B 93 13.55 4.75 -8.77
CA ASN B 93 13.81 6.15 -8.41
C ASN B 93 13.02 7.16 -9.25
N TRP B 94 12.87 8.36 -8.71
CA TRP B 94 12.15 9.49 -9.31
C TRP B 94 12.24 9.61 -10.83
N PRO B 95 11.09 9.71 -11.50
CA PRO B 95 9.75 9.56 -10.95
C PRO B 95 9.20 8.17 -11.21
N LEU B 96 8.44 7.62 -10.28
CA LEU B 96 7.88 6.29 -10.45
C LEU B 96 6.96 6.19 -11.65
N THR B 97 7.53 5.86 -12.81
CA THR B 97 6.75 5.75 -14.05
C THR B 97 5.93 4.46 -14.08
N PHE B 98 4.82 4.52 -14.81
CA PHE B 98 3.94 3.37 -14.96
C PHE B 98 4.21 2.68 -16.30
N GLY B 99 3.39 1.69 -16.62
CA GLY B 99 3.50 1.01 -17.91
C GLY B 99 2.28 1.24 -18.77
N GLY B 100 2.23 0.61 -19.93
CA GLY B 100 1.13 0.79 -20.84
C GLY B 100 -0.18 0.17 -20.38
N GLY B 101 -0.18 -1.14 -20.15
CA GLY B 101 -1.38 -1.84 -19.76
C GLY B 101 -1.63 -3.06 -20.62
N THR B 102 -2.51 -3.95 -20.17
CA THR B 102 -2.79 -5.18 -20.91
C THR B 102 -4.23 -5.59 -20.59
N LYS B 103 -5.14 -5.34 -21.53
CA LYS B 103 -6.55 -5.67 -21.33
C LYS B 103 -6.80 -7.15 -21.58
N VAL B 104 -6.69 -7.97 -20.54
CA VAL B 104 -6.90 -9.41 -20.67
C VAL B 104 -8.36 -9.66 -21.03
N GLU B 105 -8.61 -10.09 -22.26
CA GLU B 105 -9.97 -10.26 -22.77
C GLU B 105 -10.44 -11.70 -22.54
N ILE B 106 -11.57 -12.04 -23.15
CA ILE B 106 -12.11 -13.40 -23.13
C ILE B 106 -12.26 -13.86 -24.57
N LYS B 107 -11.78 -15.07 -24.85
CA LYS B 107 -11.86 -15.63 -26.19
C LYS B 107 -13.15 -16.44 -26.34
N ARG B 108 -13.68 -16.43 -27.56
CA ARG B 108 -14.90 -17.16 -27.90
C ARG B 108 -14.93 -17.34 -29.40
N THR B 109 -15.90 -18.11 -29.88
CA THR B 109 -16.06 -18.34 -31.30
C THR B 109 -16.38 -17.03 -32.01
N VAL B 110 -15.84 -16.87 -33.21
CA VAL B 110 -16.01 -15.63 -33.96
C VAL B 110 -17.48 -15.43 -34.31
N ALA B 111 -17.99 -14.23 -34.09
CA ALA B 111 -19.38 -13.89 -34.32
C ALA B 111 -19.50 -12.79 -35.37
N ALA B 112 -20.63 -12.80 -36.07
CA ALA B 112 -20.91 -11.88 -37.16
C ALA B 112 -21.71 -10.68 -36.66
N PRO B 113 -21.31 -9.46 -37.00
CA PRO B 113 -22.02 -8.28 -36.50
C PRO B 113 -23.35 -8.03 -37.22
N SER B 114 -24.44 -7.99 -36.46
CA SER B 114 -25.71 -7.51 -37.00
C SER B 114 -25.63 -6.01 -37.22
N VAL B 115 -26.11 -5.54 -38.38
CA VAL B 115 -25.96 -4.16 -38.80
C VAL B 115 -27.34 -3.53 -38.92
N PHE B 116 -27.51 -2.37 -38.29
CA PHE B 116 -28.72 -1.57 -38.43
C PHE B 116 -28.31 -0.12 -38.66
N ILE B 117 -29.06 0.57 -39.52
CA ILE B 117 -28.81 1.97 -39.82
C ILE B 117 -30.10 2.75 -39.67
N PHE B 118 -30.05 3.85 -38.93
CA PHE B 118 -31.22 4.66 -38.63
C PHE B 118 -31.09 6.03 -39.28
N PRO B 119 -32.01 6.42 -40.15
CA PRO B 119 -31.97 7.77 -40.74
C PRO B 119 -32.35 8.82 -39.70
N PRO B 120 -31.92 10.06 -39.90
CA PRO B 120 -32.28 11.12 -38.92
C PRO B 120 -33.78 11.34 -38.88
N SER B 121 -34.28 11.63 -37.68
CA SER B 121 -35.70 11.86 -37.50
C SER B 121 -36.07 13.28 -37.89
N ASP B 122 -37.35 13.47 -38.22
CA ASP B 122 -37.84 14.79 -38.57
C ASP B 122 -37.81 15.74 -37.37
N GLU B 123 -38.01 15.22 -36.16
CA GLU B 123 -37.81 16.05 -34.97
C GLU B 123 -36.38 16.53 -34.87
N GLN B 124 -35.42 15.66 -35.16
CA GLN B 124 -34.01 16.05 -35.11
C GLN B 124 -33.61 16.94 -36.28
N LEU B 125 -34.44 17.01 -37.32
CA LEU B 125 -34.19 17.86 -38.48
C LEU B 125 -34.78 19.26 -38.32
N LYS B 126 -35.40 19.56 -37.19
CA LYS B 126 -35.89 20.91 -36.95
C LYS B 126 -34.73 21.91 -36.92
N SER B 127 -33.62 21.50 -36.31
CA SER B 127 -32.40 22.32 -36.31
C SER B 127 -31.61 22.03 -37.58
N GLY B 128 -30.39 22.56 -37.65
CA GLY B 128 -29.55 22.44 -38.83
C GLY B 128 -28.60 21.26 -38.84
N THR B 129 -28.72 20.33 -37.90
CA THR B 129 -27.81 19.20 -37.79
C THR B 129 -28.58 17.91 -38.03
N ALA B 130 -28.04 17.04 -38.88
CA ALA B 130 -28.60 15.73 -39.15
C ALA B 130 -27.54 14.67 -38.90
N SER B 131 -27.89 13.65 -38.12
CA SER B 131 -26.96 12.60 -37.74
C SER B 131 -27.53 11.24 -38.09
N VAL B 132 -26.72 10.41 -38.75
CA VAL B 132 -27.12 9.06 -39.14
C VAL B 132 -26.31 8.07 -38.31
N VAL B 133 -26.98 7.05 -37.78
CA VAL B 133 -26.38 6.11 -36.85
C VAL B 133 -26.41 4.73 -37.49
N CYS B 134 -25.23 4.12 -37.64
CA CYS B 134 -25.07 2.75 -38.11
C CYS B 134 -24.63 1.89 -36.93
N LEU B 135 -25.41 0.86 -36.62
CA LEU B 135 -25.25 0.12 -35.37
C LEU B 135 -24.72 -1.28 -35.67
N LEU B 136 -23.61 -1.63 -35.04
CA LEU B 136 -23.07 -2.98 -35.08
C LEU B 136 -23.33 -3.68 -33.76
N ASN B 137 -23.94 -4.86 -33.83
CA ASN B 137 -24.52 -5.46 -32.64
C ASN B 137 -24.01 -6.88 -32.47
N ASN B 138 -23.48 -7.18 -31.28
CA ASN B 138 -23.14 -8.54 -30.85
C ASN B 138 -22.18 -9.22 -31.83
N PHE B 139 -20.97 -8.68 -31.91
CA PHE B 139 -19.92 -9.30 -32.71
C PHE B 139 -18.72 -9.64 -31.84
N TYR B 140 -17.81 -10.41 -32.41
CA TYR B 140 -16.53 -10.77 -31.80
C TYR B 140 -15.61 -11.25 -32.91
N PRO B 141 -14.31 -10.87 -32.89
CA PRO B 141 -13.63 -10.09 -31.85
C PRO B 141 -13.84 -8.59 -31.97
N ARG B 142 -13.04 -7.84 -31.19
CA ARG B 142 -13.24 -6.39 -31.08
C ARG B 142 -12.99 -5.68 -32.40
N GLU B 143 -11.99 -6.10 -33.16
CA GLU B 143 -11.54 -5.35 -34.33
C GLU B 143 -12.62 -5.37 -35.41
N ALA B 144 -13.14 -4.20 -35.75
CA ALA B 144 -14.13 -4.07 -36.81
C ALA B 144 -14.02 -2.67 -37.41
N LYS B 145 -14.20 -2.57 -38.72
CA LYS B 145 -14.09 -1.31 -39.45
C LYS B 145 -15.45 -0.89 -39.97
N VAL B 146 -15.78 0.39 -39.78
CA VAL B 146 -17.01 0.98 -40.30
C VAL B 146 -16.62 2.18 -41.14
N GLN B 147 -17.12 2.24 -42.36
CA GLN B 147 -16.80 3.32 -43.28
C GLN B 147 -18.06 3.72 -44.04
N TRP B 148 -18.24 5.03 -44.23
CA TRP B 148 -19.45 5.58 -44.81
C TRP B 148 -19.23 5.94 -46.26
N LYS B 149 -20.29 5.77 -47.07
CA LYS B 149 -20.28 6.19 -48.48
C LYS B 149 -21.59 6.93 -48.74
N VAL B 150 -21.52 8.25 -48.73
CA VAL B 150 -22.68 9.10 -49.02
C VAL B 150 -22.72 9.33 -50.51
N ASP B 151 -23.77 8.84 -51.16
CA ASP B 151 -23.87 8.83 -52.63
C ASP B 151 -22.65 8.16 -53.25
N ASN B 152 -22.22 7.05 -52.66
CA ASN B 152 -21.08 6.27 -53.14
C ASN B 152 -19.80 7.10 -53.15
N ALA B 153 -19.71 8.02 -52.19
CA ALA B 153 -18.52 8.86 -52.02
C ALA B 153 -17.96 8.62 -50.63
N LEU B 154 -16.67 8.32 -50.56
CA LEU B 154 -16.05 7.96 -49.30
C LEU B 154 -16.04 9.15 -48.34
N GLN B 155 -16.60 8.95 -47.16
CA GLN B 155 -16.69 9.99 -46.14
C GLN B 155 -15.68 9.73 -45.04
N SER B 156 -14.83 10.72 -44.76
CA SER B 156 -13.82 10.58 -43.71
C SER B 156 -13.66 11.92 -43.01
N GLY B 157 -13.23 11.86 -41.76
CA GLY B 157 -13.00 13.07 -40.98
C GLY B 157 -14.23 13.69 -40.36
N ASN B 158 -15.39 13.04 -40.46
CA ASN B 158 -16.61 13.61 -39.91
C ASN B 158 -17.49 12.60 -39.17
N SER B 159 -16.99 11.39 -38.92
CA SER B 159 -17.72 10.36 -38.19
C SER B 159 -16.98 10.01 -36.91
N GLN B 160 -17.76 9.64 -35.89
CA GLN B 160 -17.20 9.35 -34.58
C GLN B 160 -17.73 8.00 -34.10
N GLU B 161 -16.87 7.25 -33.41
CA GLU B 161 -17.09 5.85 -33.10
C GLU B 161 -17.16 5.64 -31.60
N SER B 162 -17.99 4.69 -31.17
CA SER B 162 -18.14 4.38 -29.76
C SER B 162 -18.42 2.90 -29.61
N VAL B 163 -17.68 2.24 -28.72
CA VAL B 163 -17.76 0.79 -28.52
C VAL B 163 -18.01 0.50 -27.05
N THR B 164 -18.95 -0.39 -26.78
CA THR B 164 -19.25 -0.79 -25.41
C THR B 164 -18.16 -1.69 -24.85
N GLU B 165 -18.31 -2.07 -23.59
CA GLU B 165 -17.42 -3.03 -22.97
C GLU B 165 -17.86 -4.45 -23.33
N GLN B 166 -17.02 -5.42 -22.97
CA GLN B 166 -17.33 -6.82 -23.27
C GLN B 166 -18.52 -7.27 -22.43
N ASP B 167 -19.48 -7.92 -23.09
CA ASP B 167 -20.71 -8.33 -22.42
C ASP B 167 -20.42 -9.38 -21.35
N SER B 168 -21.27 -9.40 -20.32
CA SER B 168 -21.12 -10.31 -19.19
C SER B 168 -21.95 -11.58 -19.34
N LYS B 169 -22.59 -11.76 -20.48
CA LYS B 169 -23.37 -12.97 -20.72
C LYS B 169 -22.86 -13.81 -21.88
N ASP B 170 -22.39 -13.16 -22.95
CA ASP B 170 -21.83 -13.88 -24.09
C ASP B 170 -20.51 -13.30 -24.59
N SER B 171 -19.93 -12.33 -23.86
CA SER B 171 -18.62 -11.78 -24.19
C SER B 171 -18.57 -11.21 -25.60
N THR B 172 -19.67 -10.58 -26.03
CA THR B 172 -19.75 -9.97 -27.34
C THR B 172 -19.78 -8.45 -27.19
N TYR B 173 -19.15 -7.77 -28.13
CA TYR B 173 -19.07 -6.31 -28.10
C TYR B 173 -20.24 -5.70 -28.86
N SER B 174 -20.24 -4.38 -28.98
CA SER B 174 -21.24 -3.66 -29.75
C SER B 174 -20.66 -2.31 -30.13
N LEU B 175 -21.00 -1.84 -31.32
CA LEU B 175 -20.38 -0.66 -31.89
C LEU B 175 -21.46 0.27 -32.45
N SER B 176 -21.15 1.57 -32.42
CA SER B 176 -22.06 2.57 -32.97
C SER B 176 -21.24 3.72 -33.53
N SER B 177 -21.54 4.10 -34.77
CA SER B 177 -20.88 5.21 -35.44
C SER B 177 -21.93 6.22 -35.89
N THR B 178 -21.60 7.50 -35.79
CA THR B 178 -22.53 8.58 -36.08
C THR B 178 -22.01 9.43 -37.23
N LEU B 179 -22.88 9.73 -38.17
CA LEU B 179 -22.55 10.57 -39.33
C LEU B 179 -23.04 11.98 -39.03
N THR B 180 -22.18 12.77 -38.38
CA THR B 180 -22.53 14.13 -38.01
C THR B 180 -22.32 15.06 -39.20
N LEU B 181 -23.40 15.69 -39.65
CA LEU B 181 -23.33 16.61 -40.78
C LEU B 181 -24.50 17.59 -40.71
N SER B 182 -24.36 18.68 -41.46
CA SER B 182 -25.33 19.75 -41.41
C SER B 182 -26.59 19.41 -42.22
N LYS B 183 -27.65 20.19 -41.98
CA LYS B 183 -28.90 19.97 -42.68
C LYS B 183 -28.75 20.21 -44.18
N ALA B 184 -28.01 21.26 -44.55
CA ALA B 184 -27.82 21.57 -45.97
C ALA B 184 -27.13 20.42 -46.70
N ASP B 185 -26.10 19.85 -46.06
CA ASP B 185 -25.41 18.71 -46.67
C ASP B 185 -26.34 17.50 -46.80
N TYR B 186 -27.17 17.26 -45.78
CA TYR B 186 -28.09 16.13 -45.83
C TYR B 186 -29.11 16.29 -46.95
N GLU B 187 -29.64 17.50 -47.13
CA GLU B 187 -30.66 17.74 -48.14
C GLU B 187 -30.07 17.83 -49.55
N LYS B 188 -28.75 17.86 -49.69
CA LYS B 188 -28.10 17.97 -50.98
C LYS B 188 -27.71 16.62 -51.58
N HIS B 189 -27.94 15.53 -50.83
CA HIS B 189 -27.47 14.21 -51.23
C HIS B 189 -28.62 13.22 -51.11
N LYS B 190 -28.44 12.06 -51.75
CA LYS B 190 -29.53 11.11 -51.95
C LYS B 190 -29.38 9.81 -51.17
N VAL B 191 -28.26 9.10 -51.34
CA VAL B 191 -28.10 7.75 -50.82
C VAL B 191 -26.98 7.75 -49.79
N TYR B 192 -27.26 7.15 -48.63
CA TYR B 192 -26.28 7.01 -47.54
C TYR B 192 -26.14 5.54 -47.20
N ALA B 193 -24.93 5.13 -46.82
CA ALA B 193 -24.69 3.73 -46.52
C ALA B 193 -23.48 3.59 -45.60
N CYS B 194 -23.47 2.50 -44.82
CA CYS B 194 -22.34 2.12 -43.99
C CYS B 194 -21.95 0.70 -44.33
N GLU B 195 -20.65 0.43 -44.44
CA GLU B 195 -20.13 -0.89 -44.71
C GLU B 195 -19.42 -1.43 -43.47
N VAL B 196 -19.51 -2.73 -43.25
CA VAL B 196 -18.87 -3.38 -42.12
C VAL B 196 -17.96 -4.48 -42.65
N THR B 197 -16.68 -4.41 -42.28
CA THR B 197 -15.70 -5.44 -42.63
C THR B 197 -15.22 -6.08 -41.34
N HIS B 198 -15.53 -7.36 -41.17
CA HIS B 198 -15.19 -8.08 -39.95
C HIS B 198 -14.51 -9.39 -40.31
N GLN B 199 -13.77 -9.94 -39.35
CA GLN B 199 -13.12 -11.23 -39.55
C GLN B 199 -14.14 -12.34 -39.72
N GLY B 200 -15.26 -12.28 -39.01
CA GLY B 200 -16.30 -13.29 -39.08
C GLY B 200 -17.33 -13.09 -40.15
N LEU B 201 -17.13 -12.15 -41.06
CA LEU B 201 -18.06 -11.89 -42.15
C LEU B 201 -17.47 -12.37 -43.46
N SER B 202 -18.22 -13.17 -44.21
CA SER B 202 -17.74 -13.66 -45.49
C SER B 202 -17.53 -12.52 -46.48
N SER B 203 -18.46 -11.58 -46.53
CA SER B 203 -18.37 -10.42 -47.40
C SER B 203 -18.76 -9.17 -46.65
N PRO B 204 -18.20 -8.01 -47.03
CA PRO B 204 -18.58 -6.76 -46.36
C PRO B 204 -20.04 -6.41 -46.60
N VAL B 205 -20.83 -6.44 -45.54
CA VAL B 205 -22.24 -6.13 -45.62
C VAL B 205 -22.42 -4.62 -45.67
N THR B 206 -23.35 -4.16 -46.50
CA THR B 206 -23.63 -2.74 -46.66
C THR B 206 -25.14 -2.53 -46.71
N LYS B 207 -25.67 -1.75 -45.78
CA LYS B 207 -27.06 -1.35 -45.77
C LYS B 207 -27.17 0.14 -46.08
N SER B 208 -28.24 0.50 -46.78
CA SER B 208 -28.37 1.86 -47.30
C SER B 208 -29.82 2.28 -47.22
N PHE B 209 -30.03 3.60 -47.27
CA PHE B 209 -31.35 4.19 -47.31
C PHE B 209 -31.33 5.41 -48.22
N ASN B 210 -32.46 5.69 -48.84
CA ASN B 210 -32.62 6.86 -49.69
C ASN B 210 -33.20 8.00 -48.87
N ARG B 211 -32.63 9.19 -49.03
CA ARG B 211 -33.09 10.34 -48.26
C ARG B 211 -34.55 10.65 -48.57
N GLY B 212 -35.33 10.88 -47.53
CA GLY B 212 -36.75 11.18 -47.71
C GLY B 212 -37.65 9.99 -47.99
N GLU B 213 -37.31 9.18 -48.99
CA GLU B 213 -38.12 8.03 -49.35
C GLU B 213 -37.93 6.89 -48.35
N CYS B 214 -38.77 6.86 -47.32
CA CYS B 214 -38.71 5.80 -46.32
C CYS B 214 -40.08 5.56 -45.69
N ASN C 1 44.41 -34.18 71.50
CA ASN C 1 43.76 -33.10 70.77
C ASN C 1 42.76 -33.63 69.76
N PHE C 2 41.48 -33.57 70.12
CA PHE C 2 40.39 -34.05 69.28
C PHE C 2 40.06 -32.97 68.24
N ARG C 3 41.03 -32.71 67.37
CA ARG C 3 40.88 -31.70 66.34
C ARG C 3 39.99 -32.24 65.23
N VAL C 4 38.67 -32.10 65.43
CA VAL C 4 37.72 -32.46 64.39
C VAL C 4 37.59 -31.33 63.39
N GLN C 5 36.94 -31.61 62.28
CA GLN C 5 36.75 -30.59 61.24
C GLN C 5 35.28 -30.22 61.15
N PRO C 6 34.95 -29.02 60.68
CA PRO C 6 33.56 -28.56 60.75
C PRO C 6 32.63 -29.43 59.90
N THR C 7 31.36 -29.48 60.31
CA THR C 7 30.38 -30.29 59.62
C THR C 7 30.23 -29.83 58.16
N GLU C 8 30.01 -28.54 57.96
CA GLU C 8 29.88 -27.97 56.63
C GLU C 8 30.18 -26.48 56.70
N SER C 9 29.86 -25.77 55.63
CA SER C 9 30.09 -24.33 55.53
C SER C 9 28.75 -23.60 55.41
N ILE C 10 28.68 -22.42 56.03
CA ILE C 10 27.49 -21.58 55.96
C ILE C 10 27.91 -20.18 55.53
N VAL C 11 27.12 -19.60 54.63
CA VAL C 11 27.35 -18.26 54.13
C VAL C 11 26.10 -17.42 54.39
N ARG C 12 26.29 -16.23 54.93
CA ARG C 12 25.16 -15.36 55.27
C ARG C 12 25.48 -13.93 54.89
N PHE C 13 24.57 -13.30 54.16
CA PHE C 13 24.75 -11.98 53.59
C PHE C 13 23.51 -11.15 53.89
N PRO C 14 23.60 -9.83 53.82
CA PRO C 14 22.45 -8.98 54.13
C PRO C 14 21.28 -9.23 53.18
N ASN C 15 20.12 -8.71 53.60
CA ASN C 15 18.88 -8.94 52.86
C ASN C 15 18.98 -8.33 51.46
N ILE C 16 18.10 -8.81 50.57
CA ILE C 16 18.09 -8.34 49.19
C ILE C 16 17.59 -6.90 49.14
N THR C 17 18.40 -6.03 48.55
CA THR C 17 18.08 -4.61 48.43
C THR C 17 17.23 -4.40 47.18
N ASN C 18 17.13 -3.15 46.73
CA ASN C 18 16.36 -2.78 45.54
C ASN C 18 16.64 -3.76 44.40
N LEU C 19 15.56 -4.21 43.76
CA LEU C 19 15.59 -5.32 42.82
C LEU C 19 16.02 -4.92 41.42
N CYS C 20 16.49 -3.68 41.24
CA CYS C 20 17.04 -3.23 39.97
C CYS C 20 16.05 -3.45 38.83
N PRO C 21 15.02 -2.62 38.72
CA PRO C 21 13.84 -2.99 37.92
C PRO C 21 14.06 -3.07 36.42
N PHE C 22 14.53 -4.24 35.95
CA PHE C 22 14.50 -4.55 34.53
C PHE C 22 13.07 -4.59 33.97
N GLY C 23 12.06 -4.72 34.82
CA GLY C 23 10.69 -4.88 34.37
C GLY C 23 10.15 -3.75 33.52
N GLU C 24 10.73 -2.56 33.62
CA GLU C 24 10.35 -1.44 32.76
C GLU C 24 11.17 -1.41 31.49
N VAL C 25 12.03 -2.40 31.27
CA VAL C 25 12.77 -2.52 30.03
C VAL C 25 12.28 -3.67 29.17
N PHE C 26 11.75 -4.74 29.78
CA PHE C 26 11.27 -5.89 29.03
C PHE C 26 9.75 -5.93 28.91
N ASN C 27 9.03 -5.32 29.84
CA ASN C 27 7.57 -5.26 29.80
C ASN C 27 7.05 -3.87 29.47
N ALA C 28 7.87 -3.06 28.81
CA ALA C 28 7.46 -1.72 28.45
C ALA C 28 6.32 -1.76 27.43
N THR C 29 5.49 -0.72 27.47
CA THR C 29 4.31 -0.69 26.61
C THR C 29 4.70 -0.54 25.15
N ARG C 30 5.61 0.38 24.83
CA ARG C 30 6.02 0.65 23.46
C ARG C 30 7.53 0.81 23.41
N PHE C 31 8.17 0.09 22.49
CA PHE C 31 9.59 0.25 22.26
C PHE C 31 9.83 1.37 21.25
N ALA C 32 11.06 1.51 20.80
CA ALA C 32 11.45 2.57 19.89
C ALA C 32 11.91 1.99 18.56
N SER C 33 11.94 2.84 17.55
CA SER C 33 12.44 2.45 16.25
C SER C 33 13.93 2.16 16.32
N VAL C 34 14.39 1.26 15.45
CA VAL C 34 15.78 0.82 15.50
C VAL C 34 16.74 1.95 15.14
N TYR C 35 16.31 2.94 14.36
CA TYR C 35 17.20 4.05 14.03
C TYR C 35 17.34 5.04 15.17
N ALA C 36 16.40 5.04 16.12
CA ALA C 36 16.46 5.88 17.32
C ALA C 36 16.15 4.98 18.52
N TRP C 37 17.18 4.34 19.07
CA TRP C 37 17.01 3.35 20.11
C TRP C 37 17.30 3.94 21.49
N ASN C 38 16.62 3.40 22.49
CA ASN C 38 16.83 3.83 23.86
C ASN C 38 18.17 3.31 24.40
N ARG C 39 18.74 4.04 25.35
CA ARG C 39 19.98 3.65 26.01
C ARG C 39 19.87 3.87 27.51
N LYS C 40 18.81 3.33 28.12
CA LYS C 40 18.63 3.47 29.56
C LYS C 40 19.83 2.91 30.30
N ARG C 41 20.36 3.70 31.24
CA ARG C 41 21.56 3.36 31.97
C ARG C 41 21.22 2.88 33.38
N ILE C 42 21.82 1.77 33.76
CA ILE C 42 21.61 1.18 35.06
C ILE C 42 22.70 1.69 36.01
N SER C 43 22.47 1.55 37.31
CA SER C 43 23.36 2.09 38.33
C SER C 43 23.35 1.13 39.51
N ASN C 44 23.79 1.60 40.67
CA ASN C 44 23.86 0.76 41.85
C ASN C 44 22.52 0.08 42.18
N CYS C 45 22.50 -1.24 42.08
CA CYS C 45 21.31 -2.05 42.30
C CYS C 45 21.75 -3.50 42.44
N VAL C 46 20.77 -4.40 42.50
CA VAL C 46 21.03 -5.83 42.52
C VAL C 46 20.38 -6.44 41.28
N ALA C 47 21.20 -6.79 40.30
CA ALA C 47 20.73 -7.30 39.03
C ALA C 47 20.54 -8.81 39.12
N ASP C 48 19.33 -9.27 38.80
CA ASP C 48 18.99 -10.70 38.87
C ASP C 48 18.82 -11.20 37.44
N TYR C 49 19.91 -11.62 36.82
CA TYR C 49 19.88 -12.19 35.48
C TYR C 49 19.29 -13.59 35.44
N SER C 50 19.06 -14.22 36.60
CA SER C 50 18.56 -15.59 36.62
C SER C 50 17.17 -15.69 35.99
N VAL C 51 16.28 -14.76 36.33
CA VAL C 51 14.93 -14.79 35.78
C VAL C 51 14.96 -14.54 34.27
N LEU C 52 15.87 -13.68 33.81
CA LEU C 52 16.00 -13.43 32.39
C LEU C 52 16.38 -14.70 31.62
N TYR C 53 17.29 -15.49 32.18
CA TYR C 53 17.74 -16.68 31.48
C TYR C 53 16.65 -17.74 31.42
N ASN C 54 16.10 -18.11 32.56
CA ASN C 54 15.05 -19.15 32.59
C ASN C 54 13.65 -18.52 32.52
N SER C 55 13.45 -17.65 31.53
CA SER C 55 12.15 -17.02 31.34
C SER C 55 11.21 -17.85 30.49
N ALA C 56 11.75 -18.70 29.62
CA ALA C 56 10.96 -19.59 28.76
C ALA C 56 10.00 -18.81 27.87
N SER C 57 10.33 -17.55 27.60
CA SER C 57 9.51 -16.70 26.76
C SER C 57 10.32 -15.98 25.68
N PHE C 58 11.63 -16.15 25.66
CA PHE C 58 12.51 -15.49 24.71
C PHE C 58 12.93 -16.46 23.62
N SER C 59 13.24 -15.91 22.45
CA SER C 59 13.71 -16.69 21.31
C SER C 59 15.22 -16.69 21.19
N THR C 60 15.84 -15.52 21.32
CA THR C 60 17.29 -15.38 21.23
C THR C 60 17.83 -14.88 22.56
N PHE C 61 18.83 -15.57 23.10
CA PHE C 61 19.53 -15.09 24.28
C PHE C 61 21.03 -15.37 24.12
N LYS C 62 21.50 -15.43 22.87
CA LYS C 62 22.90 -15.71 22.61
C LYS C 62 23.78 -14.69 23.30
N CYS C 63 24.72 -15.15 24.12
CA CYS C 63 25.48 -14.26 24.98
C CYS C 63 26.96 -14.44 24.71
N TYR C 64 27.65 -13.33 24.42
CA TYR C 64 28.97 -13.36 23.81
C TYR C 64 30.10 -13.18 24.82
N GLY C 65 30.13 -12.03 25.51
CA GLY C 65 31.30 -11.67 26.28
C GLY C 65 31.52 -12.56 27.49
N VAL C 66 30.45 -12.92 28.19
CA VAL C 66 30.54 -13.68 29.43
C VAL C 66 29.57 -14.85 29.38
N SER C 67 29.85 -15.85 30.21
CA SER C 67 28.98 -17.01 30.28
C SER C 67 27.65 -16.65 30.94
N PRO C 68 26.54 -17.20 30.45
CA PRO C 68 25.24 -16.85 31.04
C PRO C 68 25.10 -17.21 32.51
N THR C 69 25.75 -18.31 32.94
CA THR C 69 25.62 -18.77 34.32
C THR C 69 26.54 -18.05 35.29
N LYS C 70 27.60 -17.40 34.81
CA LYS C 70 28.47 -16.58 35.64
C LYS C 70 27.99 -15.14 35.74
N LEU C 71 26.82 -14.82 35.18
CA LEU C 71 26.29 -13.47 35.26
C LEU C 71 26.02 -13.04 36.69
N ASN C 72 25.67 -13.97 37.58
CA ASN C 72 25.37 -13.66 38.96
C ASN C 72 26.61 -13.59 39.84
N ASP C 73 27.79 -13.88 39.30
CA ASP C 73 29.03 -13.89 40.06
C ASP C 73 29.94 -12.71 39.74
N LEU C 74 30.11 -12.39 38.46
CA LEU C 74 30.88 -11.22 38.07
C LEU C 74 30.12 -9.96 38.46
N CYS C 75 30.86 -8.90 38.77
CA CYS C 75 30.26 -7.68 39.29
C CYS C 75 30.81 -6.49 38.51
N PHE C 76 29.91 -5.63 38.03
CA PHE C 76 30.23 -4.62 37.03
C PHE C 76 29.97 -3.22 37.56
N THR C 77 30.74 -2.25 37.07
CA THR C 77 30.54 -0.87 37.47
C THR C 77 29.21 -0.33 36.96
N ASN C 78 28.88 -0.59 35.70
CA ASN C 78 27.71 -0.01 35.07
C ASN C 78 27.19 -0.95 33.99
N VAL C 79 25.88 -0.89 33.76
CA VAL C 79 25.19 -1.73 32.79
C VAL C 79 24.27 -0.84 31.97
N TYR C 80 24.29 -1.03 30.65
CA TYR C 80 23.32 -0.35 29.79
C TYR C 80 22.28 -1.33 29.27
N ALA C 81 21.27 -0.80 28.60
CA ALA C 81 20.20 -1.63 28.05
C ALA C 81 19.59 -0.90 26.86
N ASP C 82 19.95 -1.32 25.65
CA ASP C 82 19.37 -0.80 24.43
C ASP C 82 18.09 -1.56 24.11
N SER C 83 17.16 -0.89 23.43
CA SER C 83 15.88 -1.51 23.11
C SER C 83 15.35 -0.95 21.81
N PHE C 84 14.88 -1.85 20.94
CA PHE C 84 14.30 -1.49 19.66
C PHE C 84 13.56 -2.71 19.13
N VAL C 85 12.83 -2.52 18.04
CA VAL C 85 12.06 -3.59 17.41
C VAL C 85 12.49 -3.70 15.94
N ILE C 86 12.70 -4.92 15.47
CA ILE C 86 13.19 -5.20 14.13
C ILE C 86 12.44 -6.41 13.58
N ARG C 87 12.80 -6.80 12.36
CA ARG C 87 12.21 -7.96 11.71
C ARG C 87 12.88 -9.25 12.18
N GLY C 88 12.22 -10.38 11.87
CA GLY C 88 12.76 -11.67 12.25
C GLY C 88 14.02 -12.02 11.48
N ASP C 89 14.04 -11.75 10.18
CA ASP C 89 15.18 -12.04 9.33
C ASP C 89 16.36 -11.10 9.57
N GLU C 90 16.26 -10.23 10.57
CA GLU C 90 17.27 -9.21 10.83
C GLU C 90 17.88 -9.31 12.22
N VAL C 91 17.34 -10.17 13.09
CA VAL C 91 17.91 -10.35 14.42
C VAL C 91 19.29 -10.98 14.32
N ARG C 92 19.52 -11.77 13.27
CA ARG C 92 20.84 -12.37 13.05
C ARG C 92 21.92 -11.32 12.82
N GLN C 93 21.54 -10.09 12.48
CA GLN C 93 22.50 -9.02 12.29
C GLN C 93 22.96 -8.38 13.59
N ILE C 94 22.28 -8.64 14.70
CA ILE C 94 22.64 -8.04 15.99
C ILE C 94 23.69 -8.97 16.60
N ALA C 95 24.93 -8.77 16.19
CA ALA C 95 26.07 -9.56 16.62
C ALA C 95 27.35 -8.87 16.18
N PRO C 96 28.45 -9.01 16.90
CA PRO C 96 29.70 -8.37 16.49
C PRO C 96 30.16 -8.89 15.13
N GLY C 97 30.73 -7.99 14.33
CA GLY C 97 31.22 -8.34 13.02
C GLY C 97 30.16 -8.81 12.05
N GLN C 98 29.08 -8.05 11.92
CA GLN C 98 27.99 -8.39 11.02
C GLN C 98 27.69 -7.22 10.09
N THR C 99 27.09 -7.54 8.94
CA THR C 99 26.77 -6.54 7.93
C THR C 99 25.29 -6.63 7.59
N GLY C 100 24.82 -5.63 6.86
CA GLY C 100 23.43 -5.53 6.47
C GLY C 100 22.99 -4.08 6.46
N LYS C 101 21.69 -3.86 6.41
CA LYS C 101 21.14 -2.52 6.43
C LYS C 101 20.68 -2.08 7.82
N ILE C 102 20.74 -2.97 8.81
CA ILE C 102 20.24 -2.64 10.14
C ILE C 102 21.31 -2.93 11.17
N ALA C 103 22.42 -3.52 10.73
CA ALA C 103 23.58 -3.70 11.58
C ALA C 103 24.75 -2.83 11.19
N ASP C 104 24.76 -2.31 9.97
CA ASP C 104 25.91 -1.56 9.52
C ASP C 104 25.73 -0.08 9.79
N TYR C 105 24.58 0.48 9.42
CA TYR C 105 24.29 1.88 9.72
C TYR C 105 22.87 2.05 10.28
N ASN C 106 22.47 1.15 11.16
CA ASN C 106 21.38 1.39 12.10
C ASN C 106 21.77 1.12 13.54
N TYR C 107 22.53 0.05 13.80
CA TYR C 107 22.95 -0.29 15.17
C TYR C 107 24.19 -1.16 15.06
N LYS C 108 25.36 -0.58 15.31
CA LYS C 108 26.62 -1.27 15.18
C LYS C 108 27.10 -1.73 16.56
N LEU C 109 27.40 -3.03 16.69
CA LEU C 109 27.97 -3.61 17.90
C LEU C 109 29.48 -3.74 17.73
N PRO C 110 30.27 -3.37 18.74
CA PRO C 110 31.72 -3.49 18.62
C PRO C 110 32.17 -4.94 18.55
N ASP C 111 33.35 -5.13 17.93
CA ASP C 111 33.92 -6.47 17.85
C ASP C 111 34.24 -7.03 19.23
N ASP C 112 34.78 -6.19 20.11
CA ASP C 112 35.09 -6.59 21.48
C ASP C 112 33.89 -6.42 22.41
N PHE C 113 32.75 -6.94 21.97
CA PHE C 113 31.52 -6.83 22.74
C PHE C 113 31.55 -7.76 23.95
N THR C 114 31.14 -7.23 25.11
CA THR C 114 31.25 -7.97 26.35
C THR C 114 29.88 -8.25 26.97
N GLY C 115 28.89 -7.40 26.70
CA GLY C 115 27.54 -7.68 27.14
C GLY C 115 26.92 -8.74 26.25
N CYS C 116 25.59 -8.75 26.13
CA CYS C 116 24.94 -9.68 25.21
C CYS C 116 23.46 -9.35 25.04
N VAL C 117 22.83 -10.09 24.11
CA VAL C 117 21.65 -9.65 23.39
C VAL C 117 20.47 -10.57 23.70
N ILE C 118 19.29 -9.98 23.87
CA ILE C 118 18.05 -10.70 24.11
C ILE C 118 17.03 -10.24 23.08
N ALA C 119 16.26 -11.19 22.53
CA ALA C 119 15.25 -10.87 21.54
C ALA C 119 14.14 -11.90 21.57
N TRP C 120 12.89 -11.43 21.56
CA TRP C 120 11.73 -12.31 21.58
C TRP C 120 10.68 -11.80 20.62
N ASN C 121 9.92 -12.73 20.04
CA ASN C 121 8.86 -12.38 19.09
C ASN C 121 7.66 -11.79 19.82
N SER C 122 7.18 -10.64 19.35
CA SER C 122 5.92 -10.07 19.82
C SER C 122 5.09 -9.71 18.59
N ASN C 123 4.38 -10.69 18.04
CA ASN C 123 3.39 -10.44 16.99
C ASN C 123 1.99 -10.35 17.59
N ASN C 124 1.85 -9.59 18.68
CA ASN C 124 0.55 -9.33 19.26
C ASN C 124 0.41 -7.91 19.81
N LEU C 125 1.45 -7.11 19.72
CA LEU C 125 1.45 -5.73 20.22
C LEU C 125 1.92 -4.74 19.18
N ASP C 126 2.88 -5.14 18.35
CA ASP C 126 3.50 -4.24 17.37
C ASP C 126 2.97 -4.45 15.97
N SER C 127 1.94 -5.27 15.79
CA SER C 127 1.40 -5.59 14.47
C SER C 127 -0.11 -5.46 14.51
N LYS C 128 -0.65 -4.55 13.71
CA LYS C 128 -2.09 -4.33 13.60
C LYS C 128 -2.51 -4.41 12.14
N VAL C 129 -3.80 -4.69 11.93
CA VAL C 129 -4.32 -4.78 10.57
C VAL C 129 -4.22 -3.42 9.89
N GLY C 130 -3.83 -3.43 8.62
CA GLY C 130 -3.57 -2.21 7.89
C GLY C 130 -2.15 -1.68 8.03
N GLY C 131 -1.33 -2.31 8.84
CA GLY C 131 0.06 -1.93 9.00
C GLY C 131 0.30 -1.11 10.26
N ASN C 132 1.45 -1.33 10.88
CA ASN C 132 1.92 -0.56 12.02
C ASN C 132 3.08 0.29 11.52
N TYR C 133 2.82 1.58 11.33
CA TYR C 133 3.79 2.49 10.72
C TYR C 133 4.47 3.37 11.75
N ASN C 134 4.61 2.88 12.98
CA ASN C 134 5.31 3.60 14.04
C ASN C 134 6.75 3.14 14.20
N TYR C 135 7.21 2.24 13.33
CA TYR C 135 8.52 1.60 13.46
C TYR C 135 9.29 1.81 12.16
N LEU C 136 10.23 2.74 12.18
CA LEU C 136 11.00 3.11 11.00
C LEU C 136 12.43 2.59 11.11
N TYR C 137 13.16 2.65 10.01
CA TYR C 137 14.54 2.24 9.98
C TYR C 137 15.26 2.92 8.83
N ARG C 138 16.52 3.26 9.05
CA ARG C 138 17.32 3.93 8.03
C ARG C 138 17.92 2.91 7.06
N LEU C 139 17.84 3.21 5.77
CA LEU C 139 18.42 2.34 4.75
C LEU C 139 19.37 3.09 3.82
N PHE C 140 19.70 4.33 4.14
CA PHE C 140 20.63 5.12 3.34
C PHE C 140 21.48 5.95 4.27
N ARG C 141 22.78 6.02 3.98
CA ARG C 141 23.68 6.82 4.81
C ARG C 141 24.93 7.14 4.01
N LYS C 142 25.53 8.29 4.33
CA LYS C 142 26.78 8.68 3.68
C LYS C 142 27.89 7.69 3.98
N SER C 143 27.99 7.24 5.22
CA SER C 143 29.07 6.37 5.66
C SER C 143 28.55 5.41 6.71
N ASN C 144 29.39 4.44 7.06
CA ASN C 144 29.02 3.40 8.00
C ASN C 144 29.04 3.94 9.43
N LEU C 145 28.28 3.31 10.31
CA LEU C 145 28.27 3.68 11.72
C LEU C 145 29.38 2.97 12.47
N LYS C 146 30.11 3.70 13.28
CA LYS C 146 31.03 3.12 14.24
C LYS C 146 30.25 2.59 15.44
N PRO C 147 30.81 1.63 16.18
CA PRO C 147 30.02 0.92 17.21
C PRO C 147 29.41 1.86 18.23
N PHE C 148 28.17 1.56 18.61
CA PHE C 148 27.41 2.30 19.62
C PHE C 148 27.33 3.79 19.27
N GLU C 149 26.80 4.07 18.08
CA GLU C 149 26.54 5.43 17.66
C GLU C 149 25.10 5.57 17.22
N ARG C 150 24.47 6.67 17.61
CA ARG C 150 23.08 6.96 17.29
C ARG C 150 23.00 8.05 16.23
N ASP C 151 22.11 7.83 15.27
CA ASP C 151 21.89 8.82 14.21
C ASP C 151 20.39 8.98 14.02
N ILE C 152 19.89 10.20 14.21
CA ILE C 152 18.48 10.49 14.08
C ILE C 152 18.20 11.62 13.10
N SER C 153 19.22 12.15 12.44
CA SER C 153 19.01 13.19 11.45
C SER C 153 18.22 12.65 10.27
N THR C 154 17.47 13.52 9.62
CA THR C 154 16.60 13.15 8.51
C THR C 154 16.81 14.10 7.33
N GLU C 155 18.07 14.32 6.97
CA GLU C 155 18.37 15.07 5.75
C GLU C 155 18.30 14.14 4.56
N ILE C 156 17.68 14.60 3.48
CA ILE C 156 17.41 13.73 2.34
C ILE C 156 18.73 13.28 1.73
N TYR C 157 18.88 11.96 1.61
CA TYR C 157 20.13 11.38 1.14
C TYR C 157 20.35 11.67 -0.34
N GLN C 158 21.56 12.13 -0.66
CA GLN C 158 21.94 12.49 -2.03
C GLN C 158 22.80 11.35 -2.58
N ALA C 159 22.20 10.51 -3.42
CA ALA C 159 22.92 9.36 -3.95
C ALA C 159 23.89 9.74 -5.07
N GLY C 160 23.54 10.75 -5.86
CA GLY C 160 24.35 11.15 -7.00
C GLY C 160 25.21 12.36 -6.71
N SER C 161 25.61 13.03 -7.78
CA SER C 161 26.43 14.24 -7.70
C SER C 161 25.65 15.50 -8.02
N THR C 162 24.33 15.45 -8.02
CA THR C 162 23.52 16.64 -8.29
C THR C 162 23.15 17.32 -6.97
N PRO C 163 22.96 18.64 -6.97
CA PRO C 163 22.37 19.29 -5.80
C PRO C 163 20.96 18.78 -5.57
N CYS C 164 20.54 18.75 -4.31
CA CYS C 164 19.28 18.11 -3.96
C CYS C 164 18.30 19.06 -3.28
N ASN C 165 18.79 19.94 -2.41
CA ASN C 165 18.03 21.10 -1.92
C ASN C 165 16.79 20.69 -1.12
N GLY C 166 16.94 19.64 -0.31
CA GLY C 166 15.94 19.33 0.70
C GLY C 166 14.65 18.73 0.19
N VAL C 167 14.56 18.36 -1.08
CA VAL C 167 13.38 17.72 -1.63
C VAL C 167 13.80 16.43 -2.34
N GLU C 168 12.87 15.49 -2.44
CA GLU C 168 13.16 14.27 -3.18
C GLU C 168 13.23 14.54 -4.68
N GLY C 169 13.96 13.69 -5.37
CA GLY C 169 14.13 13.86 -6.80
C GLY C 169 15.00 12.77 -7.36
N PHE C 170 15.54 13.03 -8.55
CA PHE C 170 16.45 12.08 -9.17
C PHE C 170 17.69 11.92 -8.31
N ASN C 171 17.87 10.72 -7.76
CA ASN C 171 18.96 10.42 -6.83
C ASN C 171 18.87 11.26 -5.57
N CYS C 172 17.65 11.39 -5.04
CA CYS C 172 17.39 11.96 -3.72
C CYS C 172 16.37 11.04 -3.03
N TYR C 173 16.87 10.21 -2.15
CA TYR C 173 16.03 9.26 -1.43
C TYR C 173 15.78 9.73 -0.01
N PHE C 174 14.59 9.45 0.47
CA PHE C 174 14.34 9.68 1.89
C PHE C 174 15.08 8.63 2.71
N PRO C 175 15.84 9.06 3.74
CA PRO C 175 16.71 8.11 4.44
C PRO C 175 15.97 6.94 5.08
N LEU C 176 14.74 7.16 5.55
CA LEU C 176 14.08 6.19 6.40
C LEU C 176 13.12 5.30 5.60
N GLN C 177 12.64 4.25 6.24
CA GLN C 177 11.71 3.32 5.63
C GLN C 177 10.87 2.72 6.75
N SER C 178 9.62 2.38 6.44
CA SER C 178 8.70 1.86 7.42
C SER C 178 8.56 0.35 7.32
N TYR C 179 8.22 -0.26 8.45
CA TYR C 179 7.84 -1.66 8.53
C TYR C 179 6.33 -1.78 8.33
N GLY C 180 5.92 -2.53 7.32
CA GLY C 180 4.53 -2.82 7.12
C GLY C 180 4.10 -3.99 7.98
N PHE C 181 3.96 -3.75 9.28
CA PHE C 181 3.67 -4.83 10.23
C PHE C 181 2.20 -5.17 10.16
N GLN C 182 1.90 -6.25 9.45
CA GLN C 182 0.53 -6.74 9.32
C GLN C 182 0.49 -8.09 10.01
N PRO C 183 -0.63 -8.37 10.69
CA PRO C 183 -0.80 -9.65 11.40
C PRO C 183 -0.48 -10.84 10.52
N THR C 184 -1.08 -10.89 9.34
CA THR C 184 -0.86 -11.97 8.40
C THR C 184 0.50 -11.87 7.74
N ASN C 185 1.53 -12.32 8.44
CA ASN C 185 2.90 -12.28 7.94
C ASN C 185 3.66 -13.48 8.44
N GLY C 186 4.46 -14.09 7.58
CA GLY C 186 5.25 -15.24 7.98
C GLY C 186 6.39 -14.86 8.90
N VAL C 187 6.87 -15.84 9.65
CA VAL C 187 7.99 -15.61 10.55
C VAL C 187 9.21 -15.17 9.74
N GLY C 188 9.94 -14.19 10.26
CA GLY C 188 10.99 -13.53 9.54
C GLY C 188 10.60 -12.16 9.02
N TYR C 189 9.30 -11.87 8.95
CA TYR C 189 8.81 -10.54 8.67
C TYR C 189 8.04 -9.95 9.85
N GLN C 190 7.85 -10.72 10.92
CA GLN C 190 7.13 -10.30 12.10
C GLN C 190 8.04 -9.49 13.03
N PRO C 191 7.47 -8.61 13.84
CA PRO C 191 8.29 -7.80 14.75
C PRO C 191 9.00 -8.66 15.79
N TYR C 192 10.18 -8.19 16.19
CA TYR C 192 10.99 -8.85 17.21
C TYR C 192 11.58 -7.78 18.11
N ARG C 193 11.10 -7.69 19.34
CA ARG C 193 11.64 -6.74 20.30
C ARG C 193 13.00 -7.22 20.80
N VAL C 194 13.99 -6.34 20.77
CA VAL C 194 15.37 -6.70 21.06
C VAL C 194 15.87 -5.83 22.21
N VAL C 195 16.51 -6.46 23.19
CA VAL C 195 17.15 -5.76 24.29
C VAL C 195 18.61 -6.20 24.34
N VAL C 196 19.52 -5.24 24.40
CA VAL C 196 20.95 -5.49 24.30
C VAL C 196 21.59 -4.95 25.58
N LEU C 197 21.97 -5.86 26.48
CA LEU C 197 22.70 -5.46 27.67
C LEU C 197 24.19 -5.38 27.37
N SER C 198 24.83 -4.32 27.87
CA SER C 198 26.26 -4.09 27.62
C SER C 198 26.91 -3.74 28.96
N PHE C 199 27.54 -4.73 29.58
CA PHE C 199 28.16 -4.54 30.88
C PHE C 199 29.46 -3.74 30.74
N GLU C 200 29.68 -2.83 31.67
CA GLU C 200 30.87 -1.99 31.66
C GLU C 200 31.63 -2.15 32.97
N LEU C 201 32.95 -2.26 32.85
CA LEU C 201 33.86 -2.32 33.99
C LEU C 201 34.74 -1.08 33.93
N LEU C 202 34.29 -0.03 34.61
CA LEU C 202 35.00 1.25 34.62
C LEU C 202 35.88 1.33 35.86
N HIS C 203 36.80 2.30 35.85
CA HIS C 203 37.79 2.41 36.91
C HIS C 203 37.16 2.70 38.28
N ALA C 204 35.90 3.13 38.30
CA ALA C 204 35.19 3.32 39.55
C ALA C 204 34.80 1.97 40.15
N PRO C 205 34.53 1.92 41.45
CA PRO C 205 34.13 0.65 42.07
C PRO C 205 32.80 0.15 41.52
N ALA C 206 32.67 -1.17 41.47
CA ALA C 206 31.50 -1.82 40.94
C ALA C 206 30.30 -1.59 41.85
N THR C 207 29.16 -1.27 41.25
CA THR C 207 27.98 -0.89 42.01
C THR C 207 26.76 -1.72 41.61
N VAL C 208 26.75 -2.24 40.38
CA VAL C 208 25.64 -3.02 39.86
C VAL C 208 26.09 -4.46 39.65
N CYS C 209 25.45 -5.40 40.35
CA CYS C 209 25.72 -6.83 40.21
C CYS C 209 24.81 -7.63 41.11
N GLY C 210 24.92 -8.95 40.98
CA GLY C 210 23.91 -9.89 41.43
C GLY C 210 23.79 -10.05 42.92
N PRO C 211 22.70 -10.70 43.35
CA PRO C 211 22.47 -10.93 44.78
C PRO C 211 23.39 -12.01 45.31
N LYS C 212 23.71 -11.92 46.60
CA LYS C 212 24.44 -12.97 47.30
C LYS C 212 23.47 -14.01 47.84
N LYS C 213 23.90 -15.26 47.86
CA LYS C 213 23.06 -16.37 48.30
C LYS C 213 23.36 -16.67 49.77
N SER C 214 22.42 -16.32 50.64
CA SER C 214 22.56 -16.61 52.06
C SER C 214 22.00 -18.01 52.36
N THR C 215 22.35 -18.51 53.54
CA THR C 215 21.87 -19.80 54.01
C THR C 215 21.41 -19.66 55.46
N ASN C 216 20.73 -20.68 55.95
CA ASN C 216 20.21 -20.64 57.31
C ASN C 216 21.32 -20.83 58.33
N LEU C 217 21.19 -20.13 59.46
CA LEU C 217 22.19 -20.14 60.51
C LEU C 217 22.16 -21.44 61.29
N VAL C 218 23.30 -21.76 61.91
CA VAL C 218 23.43 -22.93 62.78
C VAL C 218 24.12 -22.50 64.07
N LYS C 219 23.58 -22.93 65.20
CA LYS C 219 24.12 -22.61 66.51
C LYS C 219 24.60 -23.87 67.22
N ASN C 220 25.66 -23.73 68.00
CA ASN C 220 26.20 -24.80 68.86
C ASN C 220 26.72 -25.98 68.04
N LYS C 221 27.03 -25.75 66.77
CA LYS C 221 27.73 -26.71 65.93
C LYS C 221 28.88 -26.01 65.24
N CYS C 222 29.91 -26.79 64.88
CA CYS C 222 31.12 -26.25 64.28
C CYS C 222 30.95 -26.24 62.76
N VAL C 223 31.03 -25.06 62.17
CA VAL C 223 30.85 -24.85 60.75
C VAL C 223 31.88 -23.85 60.25
N ASN C 224 31.83 -23.56 58.95
CA ASN C 224 32.72 -22.59 58.31
C ASN C 224 31.86 -21.40 57.89
N PHE C 225 32.10 -20.25 58.52
CA PHE C 225 31.26 -19.09 58.30
C PHE C 225 31.85 -18.15 57.25
N ASN C 226 30.96 -17.38 56.62
CA ASN C 226 31.38 -16.34 55.68
C ASN C 226 30.33 -15.22 55.79
N PHE C 227 30.65 -14.17 56.54
CA PHE C 227 29.77 -13.05 56.76
C PHE C 227 30.37 -11.82 56.08
N ASN C 228 29.86 -11.50 54.89
CA ASN C 228 30.29 -10.33 54.13
C ASN C 228 31.79 -10.37 53.82
N GLY C 229 32.34 -11.56 53.63
CA GLY C 229 33.72 -11.67 53.23
C GLY C 229 34.65 -12.27 54.27
N LEU C 230 34.42 -11.93 55.53
CA LEU C 230 35.27 -12.47 56.59
C LEU C 230 34.98 -13.95 56.80
N THR C 231 36.03 -14.76 56.85
CA THR C 231 35.91 -16.20 56.85
C THR C 231 36.73 -16.81 57.98
N GLY C 232 36.36 -18.03 58.37
CA GLY C 232 37.06 -18.76 59.40
C GLY C 232 36.28 -19.96 59.88
N THR C 233 36.43 -20.31 61.15
CA THR C 233 35.66 -21.39 61.76
C THR C 233 35.38 -21.06 63.21
N GLY C 234 34.59 -21.91 63.86
CA GLY C 234 34.27 -21.73 65.25
C GLY C 234 32.79 -21.93 65.56
N VAL C 235 32.47 -22.11 66.84
CA VAL C 235 31.08 -22.27 67.25
C VAL C 235 30.41 -20.91 67.27
N LEU C 236 29.16 -20.86 66.84
CA LEU C 236 28.36 -19.64 66.87
C LEU C 236 27.30 -19.76 67.96
N THR C 237 27.26 -18.78 68.86
CA THR C 237 26.33 -18.81 69.98
C THR C 237 26.01 -17.37 70.37
N GLU C 238 24.88 -17.19 71.05
CA GLU C 238 24.47 -15.87 71.50
C GLU C 238 25.39 -15.36 72.61
N SER C 239 25.48 -14.04 72.71
CA SER C 239 26.39 -13.41 73.67
C SER C 239 25.73 -12.18 74.26
N ASN C 240 25.87 -12.02 75.58
CA ASN C 240 25.32 -10.86 76.29
C ASN C 240 26.31 -9.69 76.17
N LYS C 241 26.50 -9.25 74.93
CA LYS C 241 27.36 -8.12 74.62
C LYS C 241 26.59 -7.08 73.83
N LYS C 242 27.32 -6.10 73.32
CA LYS C 242 26.76 -5.06 72.46
C LYS C 242 27.79 -4.69 71.41
N PHE C 243 27.30 -4.28 70.24
CA PHE C 243 28.10 -3.56 69.25
C PHE C 243 27.49 -2.19 69.00
N LEU C 244 28.35 -1.28 68.56
CA LEU C 244 27.88 0.03 68.11
C LEU C 244 27.09 -0.13 66.81
N PRO C 245 26.22 0.81 66.48
CA PRO C 245 25.38 0.64 65.28
C PRO C 245 26.17 0.40 64.00
N PHE C 246 27.33 1.04 63.84
CA PHE C 246 28.06 1.01 62.57
C PHE C 246 29.12 -0.08 62.51
N GLN C 247 29.34 -0.82 63.60
CA GLN C 247 30.45 -1.76 63.67
C GLN C 247 29.93 -3.18 63.55
N GLN C 248 30.55 -3.96 62.67
CA GLN C 248 30.10 -5.30 62.34
C GLN C 248 30.87 -6.37 63.10
N PHE C 249 32.20 -6.25 63.16
CA PHE C 249 33.05 -7.23 63.79
C PHE C 249 34.03 -6.55 64.74
N GLY C 250 34.36 -7.26 65.82
CA GLY C 250 35.33 -6.79 66.80
C GLY C 250 36.55 -7.70 66.81
N ARG C 251 37.67 -7.16 67.27
CA ARG C 251 38.91 -7.91 67.37
C ARG C 251 39.42 -7.86 68.80
N ASP C 252 39.75 -9.02 69.34
CA ASP C 252 39.89 -9.19 70.78
C ASP C 252 41.27 -8.75 71.24
N ILE C 253 41.57 -9.03 72.52
CA ILE C 253 42.94 -8.90 73.00
C ILE C 253 43.82 -9.93 72.27
N ALA C 254 45.06 -9.53 72.00
CA ALA C 254 46.00 -10.17 71.08
C ALA C 254 45.57 -9.99 69.62
N ASP C 255 44.54 -9.18 69.38
CA ASP C 255 44.14 -8.72 68.05
C ASP C 255 43.80 -9.89 67.11
N THR C 256 42.74 -10.61 67.48
CA THR C 256 42.11 -11.62 66.62
C THR C 256 40.61 -11.37 66.61
N THR C 257 39.94 -11.87 65.56
CA THR C 257 38.49 -11.71 65.46
C THR C 257 37.81 -12.64 66.46
N ASP C 258 36.82 -12.12 67.18
CA ASP C 258 36.16 -12.88 68.24
C ASP C 258 34.64 -12.90 68.17
N ALA C 259 34.02 -11.84 67.67
CA ALA C 259 32.56 -11.76 67.58
C ALA C 259 32.15 -11.05 66.30
N VAL C 260 31.15 -11.59 65.61
CA VAL C 260 30.64 -11.01 64.38
C VAL C 260 29.12 -11.01 64.43
N ARG C 261 28.52 -9.94 63.90
CA ARG C 261 27.07 -9.84 63.83
C ARG C 261 26.58 -10.31 62.46
N ASP C 262 25.67 -11.27 62.46
CA ASP C 262 25.14 -11.78 61.21
C ASP C 262 24.22 -10.72 60.57
N PRO C 263 24.35 -10.49 59.27
CA PRO C 263 23.60 -9.38 58.65
C PRO C 263 22.19 -9.74 58.20
N GLN C 264 21.45 -10.46 59.01
CA GLN C 264 20.06 -10.71 58.70
C GLN C 264 19.11 -10.30 59.81
N THR C 265 19.48 -10.56 61.06
CA THR C 265 18.64 -10.22 62.21
C THR C 265 19.27 -9.18 63.12
N LEU C 266 20.43 -8.64 62.76
CA LEU C 266 21.13 -7.65 63.57
C LEU C 266 21.41 -8.18 64.98
N GLU C 267 21.74 -9.46 65.07
CA GLU C 267 21.95 -10.13 66.35
C GLU C 267 23.42 -10.50 66.48
N ILE C 268 23.94 -10.34 67.69
CA ILE C 268 25.36 -10.50 67.94
C ILE C 268 25.69 -11.96 68.22
N LEU C 269 26.74 -12.46 67.57
CA LEU C 269 27.22 -13.82 67.79
C LEU C 269 28.71 -13.77 68.08
N ASP C 270 29.16 -14.68 68.94
CA ASP C 270 30.57 -14.80 69.29
C ASP C 270 31.17 -16.00 68.56
N ILE C 271 32.31 -15.77 67.90
CA ILE C 271 33.02 -16.83 67.20
C ILE C 271 33.99 -17.44 68.22
N THR C 272 33.48 -18.37 69.02
CA THR C 272 34.34 -19.12 69.91
C THR C 272 35.05 -20.20 69.09
N PRO C 273 36.37 -20.31 69.16
CA PRO C 273 37.05 -21.38 68.44
C PRO C 273 36.63 -22.74 68.98
N CYS C 274 36.34 -23.66 68.06
CA CYS C 274 35.89 -24.98 68.45
C CYS C 274 36.90 -25.64 69.38
N SER C 275 36.38 -26.31 70.41
CA SER C 275 37.22 -26.88 71.45
C SER C 275 38.28 -27.78 70.84
N PHE C 276 39.53 -27.50 71.16
CA PHE C 276 40.65 -28.32 70.71
C PHE C 276 41.58 -28.55 71.90
N GLY C 277 42.32 -29.66 71.85
CA GLY C 277 43.22 -30.00 72.93
C GLY C 277 42.54 -30.75 74.06
#